data_8OP4
#
_entry.id   8OP4
#
_cell.length_a   1.00
_cell.length_b   1.00
_cell.length_c   1.00
_cell.angle_alpha   90.00
_cell.angle_beta   90.00
_cell.angle_gamma   90.00
#
_symmetry.space_group_name_H-M   'P 1'
#
loop_
_entity.id
_entity.type
_entity.pdbx_description
1 polymer 'Cation-transporting ATPase-like protein'
2 non-polymer 'PHOSPHOAMINOPHOSPHONIC ACID-ADENYLATE ESTER'
3 non-polymer 'MAGNESIUM ION'
#
_entity_poly.entity_id   1
_entity_poly.type   'polypeptide(L)'
_entity_poly.pdbx_seq_one_letter_code
;MAPLVDNPQIKSAELLRPLPLYQHAYVWPYVIVWPVFLRVYLTQELYDKYIGAQEWTFVWIISIVTFQTLTWLCTHWSVN
LNALFTAKKASSIEDAQLIKVIPVANAGAADICKLVRDKVGDNKTNISFLFQKRRFLWYPERKAFSTLEFDIDAEPKPTL
SKFQLSRGIESEDELKRLEQHYGTNTFDIPVPTFTELFKEHAVAPFFVFQVFCVGLWLLDEYWYYSLFTLVMLVVFESTV
VWQRQRTLTEFRSMSIKPYPIYVYRLGKWTEIQSDKLLPGDLVSVTRTKEDSGVACDMILVEGTAIVNEAMLSGESTPLL
KDSIQLRPGDAVLEVDGLDKNSLLWGGTKVLQITHGTAEEERPKPASGIPPPPDNGAMAVVTKTGFETSQGSLVRTMIYS
TERVSANNTEALLFILFLLVFALAASWYVWDEGVRKDRKRSKLLLDCILIITSVVPPELPMELSLAVNTSLSALAKFAIF
CTEPFRIPFAGRIDVACFDKTGTLTGEDLVVEGIAGLGLGHSGTDTPKEADGAHTRMVSVHDAGMETTLVLATAHALVKL
DEGEIVGDPMEKATLNALGWVLGKNDTLTSKPGNAASSGILGTVQIKRRFQFSSALKRQSSVATITATEVKTGRKLRGSF
VGVKGAPETIMKMLVTVPEHYEETYKYFTRRGSRVLALAYKQLTTEGELGANKINDLKRESVEADLHFAGFLVLQCPLKE
DAKQAVRMLNESSHRVVMITGDNPLTAVHVAKEVEIVDRDVLILDAPEHSVYGEESLVWRSVDDKIRIDVDPTKPIDPEI
LKTKDLCVTGYALNKFKGQVGWKSLLRYTWVYARVSPKQKEDILLGLKDMGYYTLMAGDGTNDVGALKQAHVGVALLNGT
QEDLNRIAEHTRNQKMKELYQKQVDLMARWGQPPPPVPAMIAHLYPPGPSNPHYQKAMEREAQKRGVTVEQLAKVNGTNV
TSNPAGVQQQSGQDAKKAKQVEAAKKAANFADKLTSSLMEAEMDDEPPTLKLGDASVAAPFTSKLRNVMAIPNILRQGRC
TLVATIQMYKILALNCLISAYSLSVLYLEGIKFGDGQITISGMLMSVCFLSISRARSVEGLSKERPQPNIFNFYIIGSIL
GQFAVHVATLIYIAQLCDQIEPRTEVIDLEAEFKPSLLNSAVYLLQLIQQISTFAVNYQGRPFRESLSENKGMFYGIVGV
TAIAFACSTEMLPELNEAMKLVPFNENFKTIMTTVMIIDFVACYVIEWVLKKLFSDLRARDIAERRPDQLERERVRKEKE
AREKEEEEERKERERIEAFERRLEEKRTRLVEAAAQREQQQQQWAQRR
;
_entity_poly.pdbx_strand_id   A
#
# COMPACT_ATOMS: atom_id res chain seq x y z
N ALA A 2 7.34 1.03 26.39
CA ALA A 2 7.81 1.88 27.49
C ALA A 2 6.66 2.25 28.42
N PRO A 3 6.90 2.23 29.73
CA PRO A 3 5.85 2.64 30.67
C PRO A 3 5.58 4.14 30.67
N LEU A 4 6.47 4.96 30.11
CA LEU A 4 6.25 6.41 30.12
C LEU A 4 5.18 6.82 29.12
N VAL A 5 5.18 6.24 27.93
CA VAL A 5 4.14 6.49 26.93
C VAL A 5 3.45 5.17 26.67
N ASP A 6 2.17 5.08 27.04
CA ASP A 6 1.42 3.83 26.97
C ASP A 6 0.66 3.76 25.63
N ASN A 7 1.42 3.53 24.57
CA ASN A 7 0.87 3.29 23.24
C ASN A 7 1.53 2.04 22.65
N PRO A 8 0.80 1.28 21.82
CA PRO A 8 1.41 0.10 21.19
C PRO A 8 2.48 0.42 20.17
N GLN A 9 2.52 1.64 19.63
CA GLN A 9 3.48 2.01 18.60
C GLN A 9 4.66 2.81 19.15
N ILE A 10 4.83 2.86 20.46
CA ILE A 10 5.93 3.58 21.09
C ILE A 10 6.81 2.56 21.81
N LYS A 11 8.08 2.50 21.41
CA LYS A 11 9.02 1.53 21.97
C LYS A 11 9.75 2.10 23.18
N SER A 12 10.40 3.25 23.01
CA SER A 12 11.19 3.86 24.07
C SER A 12 10.75 5.30 24.29
N ALA A 13 10.68 5.70 25.55
CA ALA A 13 10.35 7.06 25.92
C ALA A 13 11.22 7.47 27.09
N GLU A 14 11.91 8.59 26.96
CA GLU A 14 12.81 9.04 28.01
C GLU A 14 12.67 10.54 28.22
N LEU A 15 12.45 10.95 29.47
CA LEU A 15 12.17 12.36 29.79
C LEU A 15 13.49 13.12 29.95
N LEU A 16 13.95 13.71 28.85
CA LEU A 16 15.19 14.47 28.85
C LEU A 16 14.99 15.86 29.45
N ARG A 17 16.12 16.57 29.60
CA ARG A 17 16.13 17.97 29.97
C ARG A 17 17.26 18.66 29.19
N PRO A 18 16.96 19.71 28.43
CA PRO A 18 18.00 20.34 27.60
C PRO A 18 19.01 21.10 28.44
N LEU A 19 20.27 21.08 27.97
CA LEU A 19 21.47 21.71 28.48
C LEU A 19 21.76 23.00 27.73
N PRO A 20 22.52 23.93 28.32
CA PRO A 20 23.00 25.08 27.56
C PRO A 20 23.98 24.68 26.47
N LEU A 21 24.20 25.61 25.54
CA LEU A 21 25.03 25.32 24.36
C LEU A 21 26.50 25.12 24.73
N TYR A 22 26.95 25.75 25.82
CA TYR A 22 28.33 25.59 26.25
C TYR A 22 28.59 24.23 26.88
N GLN A 23 27.54 23.52 27.31
CA GLN A 23 27.67 22.20 27.89
C GLN A 23 27.42 21.07 26.90
N HIS A 24 27.22 21.40 25.62
CA HIS A 24 26.99 20.37 24.61
C HIS A 24 28.26 19.59 24.32
N ALA A 25 28.09 18.30 24.02
CA ALA A 25 29.23 17.41 23.82
C ALA A 25 29.94 17.64 22.49
N TYR A 26 29.37 18.41 21.58
CA TYR A 26 30.10 18.85 20.40
C TYR A 26 30.71 20.23 20.57
N VAL A 27 30.70 20.76 21.80
CA VAL A 27 31.27 22.07 22.08
C VAL A 27 32.36 21.95 23.13
N TRP A 28 32.00 21.45 24.33
CA TRP A 28 32.91 21.52 25.48
C TRP A 28 34.20 20.71 25.36
N PRO A 29 34.24 19.44 24.92
CA PRO A 29 35.55 18.77 24.91
C PRO A 29 36.46 19.24 23.80
N TYR A 30 35.90 19.70 22.68
CA TYR A 30 36.73 20.22 21.60
C TYR A 30 37.24 21.62 21.93
N VAL A 31 36.46 22.41 22.67
CA VAL A 31 36.96 23.66 23.24
C VAL A 31 38.05 23.38 24.26
N ILE A 32 37.94 22.28 25.00
CA ILE A 32 38.98 21.88 25.95
C ILE A 32 40.27 21.51 25.23
N VAL A 33 40.18 20.75 24.13
CA VAL A 33 41.39 20.27 23.45
C VAL A 33 41.91 21.22 22.37
N TRP A 34 41.21 22.30 22.07
CA TRP A 34 41.75 23.29 21.14
C TRP A 34 43.02 24.01 21.61
N PRO A 35 43.18 24.47 22.86
CA PRO A 35 44.47 25.08 23.24
C PRO A 35 45.64 24.10 23.27
N VAL A 36 45.39 22.79 23.35
CA VAL A 36 46.47 21.82 23.23
C VAL A 36 47.08 21.89 21.83
N PHE A 37 46.23 21.89 20.80
CA PHE A 37 46.71 22.06 19.44
C PHE A 37 47.26 23.46 19.19
N LEU A 38 46.73 24.47 19.89
CA LEU A 38 47.25 25.83 19.75
C LEU A 38 48.67 25.93 20.30
N ARG A 39 48.91 25.34 21.48
CA ARG A 39 50.24 25.29 22.06
C ARG A 39 51.19 24.41 21.23
N VAL A 40 50.64 23.40 20.56
CA VAL A 40 51.43 22.65 19.58
C VAL A 40 51.83 23.55 18.41
N TYR A 41 50.90 24.37 17.93
CA TYR A 41 51.12 25.09 16.67
C TYR A 41 52.01 26.32 16.84
N LEU A 42 51.56 27.32 17.61
CA LEU A 42 52.31 28.58 17.65
C LEU A 42 53.58 28.45 18.48
N THR A 43 53.51 27.79 19.64
CA THR A 43 54.70 27.57 20.44
C THR A 43 55.54 26.47 19.81
N GLN A 44 56.83 26.73 19.65
CA GLN A 44 57.72 25.82 18.93
C GLN A 44 58.09 24.63 19.83
N GLU A 45 58.92 23.73 19.26
CA GLU A 45 59.46 22.45 19.77
C GLU A 45 58.36 21.37 19.74
N LEU A 46 57.12 21.76 19.47
CA LEU A 46 56.07 20.80 19.18
C LEU A 46 55.65 20.85 17.72
N TYR A 47 56.27 21.75 16.94
CA TYR A 47 56.01 21.81 15.51
C TYR A 47 56.59 20.59 14.81
N ASP A 48 57.72 20.09 15.28
CA ASP A 48 58.34 18.90 14.72
C ASP A 48 58.15 17.66 15.58
N LYS A 49 57.51 17.80 16.75
CA LYS A 49 57.31 16.67 17.65
C LYS A 49 56.23 15.71 17.17
N TYR A 50 55.09 16.22 16.69
CA TYR A 50 53.96 15.36 16.35
C TYR A 50 53.53 15.54 14.90
N ILE A 51 53.54 16.77 14.40
CA ILE A 51 53.06 17.03 13.04
C ILE A 51 54.20 17.02 12.04
N GLY A 52 55.19 17.90 12.22
CA GLY A 52 56.40 17.87 11.43
C GLY A 52 56.40 18.79 10.22
N ALA A 53 55.24 19.22 9.75
CA ALA A 53 55.17 20.03 8.54
C ALA A 53 53.90 20.87 8.57
N GLN A 54 53.87 21.90 7.71
CA GLN A 54 52.67 22.73 7.61
C GLN A 54 51.55 22.02 6.87
N GLU A 55 51.90 21.07 5.98
CA GLU A 55 50.86 20.26 5.35
C GLU A 55 50.26 19.28 6.36
N TRP A 56 51.08 18.75 7.26
CA TRP A 56 50.57 17.94 8.37
C TRP A 56 49.75 18.81 9.33
N THR A 57 50.12 20.08 9.49
CA THR A 57 49.32 21.01 10.28
C THR A 57 47.95 21.24 9.65
N PHE A 58 47.91 21.38 8.32
CA PHE A 58 46.63 21.53 7.62
C PHE A 58 45.81 20.24 7.70
N VAL A 59 46.48 19.09 7.66
CA VAL A 59 45.80 17.80 7.83
C VAL A 59 45.17 17.69 9.21
N TRP A 60 45.90 18.10 10.25
CA TRP A 60 45.37 18.05 11.61
C TRP A 60 44.24 19.05 11.82
N ILE A 61 44.34 20.24 11.19
CA ILE A 61 43.27 21.24 11.26
C ILE A 61 42.01 20.71 10.58
N ILE A 62 42.17 20.07 9.41
CA ILE A 62 41.05 19.49 8.68
C ILE A 62 40.43 18.35 9.48
N SER A 63 41.26 17.54 10.15
CA SER A 63 40.76 16.43 10.97
C SER A 63 39.99 16.93 12.20
N ILE A 64 40.48 17.99 12.86
CA ILE A 64 39.79 18.53 14.02
C ILE A 64 38.47 19.17 13.62
N VAL A 65 38.46 19.93 12.52
CA VAL A 65 37.22 20.54 12.01
C VAL A 65 36.23 19.47 11.57
N THR A 66 36.72 18.40 10.94
CA THR A 66 35.89 17.27 10.52
C THR A 66 35.29 16.55 11.72
N PHE A 67 36.07 16.35 12.79
CA PHE A 67 35.53 15.72 13.99
C PHE A 67 34.50 16.59 14.70
N GLN A 68 34.72 17.91 14.69
CA GLN A 68 33.74 18.83 15.29
C GLN A 68 32.43 18.84 14.51
N THR A 69 32.51 18.91 13.17
CA THR A 69 31.29 18.92 12.39
C THR A 69 30.63 17.54 12.36
N LEU A 70 31.40 16.47 12.57
CA LEU A 70 30.80 15.15 12.68
C LEU A 70 30.08 14.96 14.01
N THR A 71 30.65 15.50 15.09
CA THR A 71 29.96 15.47 16.38
C THR A 71 28.72 16.36 16.36
N TRP A 72 28.74 17.41 15.54
CA TRP A 72 27.53 18.22 15.38
C TRP A 72 26.47 17.50 14.54
N LEU A 73 26.90 16.80 13.47
CA LEU A 73 25.94 16.15 12.58
C LEU A 73 25.41 14.85 13.17
N CYS A 74 26.11 14.28 14.16
CA CYS A 74 25.62 13.08 14.82
C CYS A 74 24.42 13.39 15.70
N THR A 75 24.28 14.65 16.13
CA THR A 75 23.06 15.06 16.83
C THR A 75 21.91 15.31 15.87
N HIS A 76 22.14 15.22 14.56
CA HIS A 76 21.08 15.46 13.60
C HIS A 76 20.68 14.22 12.82
N TRP A 77 21.61 13.32 12.51
CA TRP A 77 21.27 12.10 11.81
C TRP A 77 21.10 10.89 12.72
N SER A 78 21.09 11.10 14.04
CA SER A 78 20.81 10.01 14.97
C SER A 78 20.15 10.60 16.21
N VAL A 79 18.99 10.04 16.56
CA VAL A 79 18.21 10.56 17.69
C VAL A 79 18.89 10.22 19.02
N ASN A 80 19.46 9.01 19.13
CA ASN A 80 20.09 8.59 20.38
C ASN A 80 21.39 9.36 20.62
N LEU A 81 22.14 9.62 19.55
CA LEU A 81 23.33 10.45 19.69
C LEU A 81 22.97 11.90 19.98
N ASN A 82 21.81 12.36 19.50
CA ASN A 82 21.31 13.68 19.88
C ASN A 82 21.00 13.76 21.36
N ALA A 83 20.36 12.72 21.91
CA ALA A 83 20.07 12.71 23.34
C ALA A 83 21.34 12.53 24.17
N LEU A 84 22.36 11.86 23.62
CA LEU A 84 23.62 11.71 24.34
C LEU A 84 24.43 13.01 24.32
N PHE A 85 24.42 13.74 23.21
CA PHE A 85 25.33 14.87 23.02
C PHE A 85 24.69 16.22 23.33
N THR A 86 23.36 16.30 23.47
CA THR A 86 22.71 17.59 23.64
C THR A 86 22.09 17.77 25.02
N ALA A 87 21.22 16.86 25.44
CA ALA A 87 20.41 17.05 26.63
C ALA A 87 20.79 16.04 27.71
N LYS A 88 20.95 16.54 28.93
CA LYS A 88 21.13 15.64 30.07
C LYS A 88 19.83 14.90 30.37
N LYS A 89 19.96 13.73 31.01
CA LYS A 89 18.81 12.87 31.26
C LYS A 89 17.81 13.51 32.21
N ALA A 90 18.18 13.65 33.48
CA ALA A 90 17.35 14.20 34.56
C ALA A 90 15.95 13.57 34.59
N SER A 91 15.92 12.26 34.83
CA SER A 91 14.71 11.46 34.69
C SER A 91 13.76 11.74 35.86
N SER A 92 13.05 12.85 35.73
CA SER A 92 12.02 13.23 36.70
C SER A 92 10.94 14.02 35.96
N ILE A 93 9.68 13.76 36.31
CA ILE A 93 8.56 14.37 35.60
C ILE A 93 8.45 15.86 35.93
N GLU A 94 8.78 16.27 37.16
CA GLU A 94 8.51 17.62 37.61
C GLU A 94 9.46 18.66 37.03
N ASP A 95 10.56 18.24 36.39
CA ASP A 95 11.51 19.18 35.81
C ASP A 95 11.89 18.88 34.36
N ALA A 96 11.30 17.86 33.74
CA ALA A 96 11.64 17.52 32.37
C ALA A 96 11.01 18.51 31.39
N GLN A 97 11.68 18.68 30.25
CA GLN A 97 11.18 19.52 29.18
C GLN A 97 11.30 18.89 27.80
N LEU A 98 12.02 17.79 27.65
CA LEU A 98 12.19 17.11 26.38
C LEU A 98 11.86 15.63 26.57
N ILE A 99 11.22 15.03 25.58
CA ILE A 99 10.87 13.61 25.62
C ILE A 99 11.45 12.95 24.37
N LYS A 100 12.45 12.10 24.54
CA LYS A 100 12.93 11.26 23.45
C LYS A 100 11.92 10.15 23.20
N VAL A 101 11.38 10.10 21.99
CA VAL A 101 10.40 9.09 21.60
C VAL A 101 10.98 8.29 20.46
N ILE A 102 11.19 7.00 20.68
CA ILE A 102 11.58 6.03 19.66
C ILE A 102 10.40 5.09 19.45
N PRO A 103 9.81 5.04 18.26
CA PRO A 103 8.68 4.13 18.03
C PRO A 103 9.16 2.71 17.79
N VAL A 104 8.21 1.82 17.53
CA VAL A 104 8.52 0.45 17.15
C VAL A 104 9.04 0.44 15.73
N ALA A 105 9.61 -0.70 15.31
CA ALA A 105 10.29 -0.79 14.03
C ALA A 105 9.34 -0.65 12.86
N ASN A 106 9.79 0.09 11.82
CA ASN A 106 9.04 0.39 10.60
C ASN A 106 7.71 1.09 10.90
N ALA A 107 7.74 2.04 11.84
CA ALA A 107 6.56 2.81 12.24
C ALA A 107 6.92 4.28 12.37
N GLY A 108 7.60 4.82 11.37
CA GLY A 108 7.92 6.24 11.34
C GLY A 108 9.27 6.56 11.94
N ALA A 109 9.60 7.85 11.92
CA ALA A 109 10.89 8.33 12.37
C ALA A 109 10.83 8.73 13.84
N ALA A 110 11.91 8.42 14.57
CA ALA A 110 12.01 8.80 15.97
C ALA A 110 12.25 10.30 16.10
N ASP A 111 12.02 10.81 17.31
CA ASP A 111 12.09 12.26 17.49
C ASP A 111 12.44 12.59 18.93
N ILE A 112 12.83 13.86 19.13
CA ILE A 112 12.94 14.45 20.45
C ILE A 112 11.84 15.49 20.57
N CYS A 113 10.68 15.08 21.08
CA CYS A 113 9.55 15.97 21.16
C CYS A 113 9.70 16.93 22.34
N LYS A 114 9.04 18.08 22.23
CA LYS A 114 9.14 19.14 23.22
C LYS A 114 7.94 19.08 24.16
N LEU A 115 8.19 19.08 25.46
CA LEU A 115 7.13 19.10 26.44
C LEU A 115 6.50 20.48 26.51
N VAL A 116 5.18 20.54 26.40
CA VAL A 116 4.43 21.79 26.49
C VAL A 116 3.34 21.62 27.54
N ARG A 117 3.28 22.57 28.47
CA ARG A 117 2.30 22.53 29.54
C ARG A 117 1.63 23.89 29.73
N THR A 125 -2.66 21.93 35.67
CA THR A 125 -1.89 22.12 34.45
C THR A 125 -1.70 20.80 33.72
N ASN A 126 -2.05 20.78 32.44
CA ASN A 126 -1.99 19.57 31.63
C ASN A 126 -0.64 19.49 30.93
N ILE A 127 0.06 18.39 31.13
CA ILE A 127 1.38 18.16 30.53
C ILE A 127 1.19 17.34 29.26
N SER A 128 1.77 17.79 28.16
CA SER A 128 1.49 17.20 26.86
C SER A 128 2.67 17.38 25.92
N PHE A 129 2.67 16.58 24.86
CA PHE A 129 3.59 16.79 23.74
C PHE A 129 2.92 16.30 22.46
N LEU A 130 3.61 16.48 21.33
CA LEU A 130 3.12 16.07 20.03
C LEU A 130 4.18 15.22 19.34
N PHE A 131 3.84 13.98 19.02
CA PHE A 131 4.72 13.08 18.29
C PHE A 131 3.99 12.57 17.05
N GLN A 132 4.63 12.77 15.88
CA GLN A 132 4.09 12.41 14.56
C GLN A 132 2.71 13.04 14.33
N LYS A 133 2.58 14.30 14.76
CA LYS A 133 1.34 15.07 14.77
C LYS A 133 0.21 14.37 15.53
N ARG A 134 0.56 13.64 16.58
CA ARG A 134 -0.40 13.05 17.50
C ARG A 134 -0.17 13.61 18.89
N ARG A 135 -1.23 14.06 19.53
CA ARG A 135 -1.13 14.71 20.84
C ARG A 135 -1.17 13.67 21.94
N PHE A 136 -0.18 13.71 22.82
CA PHE A 136 -0.10 12.82 23.97
C PHE A 136 -0.18 13.65 25.24
N LEU A 137 -1.05 13.23 26.16
CA LEU A 137 -1.30 13.94 27.41
C LEU A 137 -0.83 13.08 28.58
N TRP A 138 -0.31 13.75 29.61
CA TRP A 138 0.20 13.06 30.80
C TRP A 138 -0.93 12.85 31.79
N TYR A 139 -1.15 11.59 32.18
CA TYR A 139 -2.09 11.24 33.22
C TYR A 139 -1.33 10.91 34.49
N PRO A 140 -1.51 11.66 35.57
CA PRO A 140 -0.76 11.36 36.81
C PRO A 140 -1.29 10.15 37.54
N GLU A 141 -2.57 9.81 37.39
CA GLU A 141 -3.10 8.60 37.99
C GLU A 141 -2.52 7.36 37.35
N ARG A 142 -2.40 7.36 36.01
CA ARG A 142 -1.65 6.33 35.33
C ARG A 142 -0.15 6.60 35.33
N LYS A 143 0.24 7.84 35.66
CA LYS A 143 1.64 8.31 35.67
C LYS A 143 2.33 8.06 34.33
N ALA A 144 1.63 8.36 33.24
CA ALA A 144 2.16 8.06 31.92
C ALA A 144 1.54 8.97 30.88
N PHE A 145 2.28 9.22 29.80
CA PHE A 145 1.71 9.87 28.64
C PHE A 145 0.84 8.87 27.88
N SER A 146 -0.25 9.35 27.31
CA SER A 146 -1.18 8.49 26.61
C SER A 146 -1.92 9.30 25.54
N THR A 147 -2.59 8.58 24.64
CA THR A 147 -3.41 9.19 23.61
C THR A 147 -4.62 9.87 24.25
N LEU A 148 -5.13 10.90 23.57
CA LEU A 148 -6.26 11.67 24.07
C LEU A 148 -7.53 10.81 24.14
N GLU A 149 -8.24 10.93 25.26
CA GLU A 149 -9.45 10.16 25.50
C GLU A 149 -10.66 11.08 25.37
N PHE A 150 -11.63 10.66 24.57
CA PHE A 150 -12.84 11.42 24.33
C PHE A 150 -13.95 10.91 25.26
N ASP A 151 -15.17 11.40 25.05
CA ASP A 151 -16.32 10.89 25.78
C ASP A 151 -16.67 9.47 25.33
N ILE A 152 -16.42 9.16 24.06
CA ILE A 152 -16.65 7.80 23.56
C ILE A 152 -15.61 6.85 24.13
N ASP A 153 -14.35 7.29 24.21
CA ASP A 153 -13.23 6.44 24.63
C ASP A 153 -13.14 6.23 26.13
N ALA A 154 -14.15 6.63 26.90
CA ALA A 154 -14.15 6.37 28.34
C ALA A 154 -14.37 4.89 28.62
N GLU A 155 -13.64 4.36 29.60
CA GLU A 155 -13.80 2.96 29.97
C GLU A 155 -15.17 2.62 30.53
N PRO A 156 -15.81 3.42 31.40
CA PRO A 156 -17.25 3.22 31.59
C PRO A 156 -17.99 3.81 30.38
N LYS A 157 -18.72 2.96 29.68
CA LYS A 157 -19.40 3.39 28.46
C LYS A 157 -20.57 4.31 28.81
N PRO A 158 -20.62 5.52 28.27
CA PRO A 158 -21.67 6.46 28.67
C PRO A 158 -23.02 6.09 28.10
N THR A 159 -24.07 6.49 28.82
CA THR A 159 -25.43 6.26 28.37
C THR A 159 -25.83 7.29 27.32
N LEU A 160 -26.94 7.03 26.64
CA LEU A 160 -27.43 7.92 25.60
C LEU A 160 -28.10 9.17 26.16
N SER A 161 -28.43 9.18 27.45
CA SER A 161 -29.06 10.35 28.05
C SER A 161 -28.13 11.55 28.10
N LYS A 162 -26.82 11.32 28.16
CA LYS A 162 -25.86 12.39 28.03
C LYS A 162 -25.65 12.83 26.58
N PHE A 163 -26.12 12.04 25.62
CA PHE A 163 -26.00 12.39 24.20
C PHE A 163 -27.27 12.99 23.63
N GLN A 164 -28.43 12.48 24.04
CA GLN A 164 -29.70 13.08 23.61
C GLN A 164 -29.90 14.44 24.26
N LEU A 165 -29.51 14.59 25.52
CA LEU A 165 -29.64 15.82 26.27
C LEU A 165 -28.28 16.52 26.44
N SER A 166 -27.44 16.44 25.41
CA SER A 166 -26.12 17.06 25.47
C SER A 166 -26.22 18.59 25.41
N ARG A 167 -27.09 19.11 24.52
CA ARG A 167 -27.39 20.53 24.35
C ARG A 167 -26.17 21.36 23.94
N GLY A 168 -25.15 20.72 23.38
CA GLY A 168 -23.95 21.44 22.97
C GLY A 168 -23.09 21.89 24.14
N ILE A 169 -22.09 22.68 23.80
CA ILE A 169 -21.21 23.26 24.80
C ILE A 169 -21.90 24.47 25.43
N GLU A 170 -21.95 24.51 26.76
CA GLU A 170 -22.71 25.52 27.47
C GLU A 170 -21.86 26.50 28.26
N SER A 171 -20.53 26.33 28.29
CA SER A 171 -19.66 27.19 29.07
C SER A 171 -18.52 27.69 28.20
N GLU A 172 -18.19 28.98 28.34
CA GLU A 172 -17.11 29.57 27.55
C GLU A 172 -15.74 29.10 28.02
N ASP A 173 -15.55 29.02 29.35
CA ASP A 173 -14.27 28.54 29.88
C ASP A 173 -14.07 27.06 29.59
N GLU A 174 -15.15 26.28 29.59
CA GLU A 174 -15.05 24.89 29.16
C GLU A 174 -14.79 24.79 27.66
N LEU A 175 -15.29 25.74 26.87
CA LEU A 175 -14.98 25.78 25.45
C LEU A 175 -13.49 26.06 25.21
N LYS A 176 -12.92 27.00 25.96
CA LYS A 176 -11.48 27.25 25.87
C LYS A 176 -10.67 26.06 26.39
N ARG A 177 -11.18 25.36 27.40
CA ARG A 177 -10.53 24.15 27.89
C ARG A 177 -10.53 23.05 26.83
N LEU A 178 -11.64 22.89 26.11
CA LEU A 178 -11.70 21.92 25.03
C LEU A 178 -10.79 22.31 23.87
N GLU A 179 -10.69 23.62 23.59
CA GLU A 179 -9.79 24.10 22.53
C GLU A 179 -8.33 23.85 22.89
N GLN A 180 -7.96 24.06 24.16
CA GLN A 180 -6.59 23.78 24.57
C GLN A 180 -6.33 22.28 24.70
N HIS A 181 -7.36 21.49 24.97
CA HIS A 181 -7.19 20.06 25.19
C HIS A 181 -7.10 19.30 23.88
N TYR A 182 -8.16 19.32 23.09
CA TYR A 182 -8.24 18.51 21.88
C TYR A 182 -7.74 19.22 20.64
N GLY A 183 -7.49 20.52 20.71
CA GLY A 183 -7.02 21.27 19.56
C GLY A 183 -8.13 21.57 18.57
N THR A 184 -7.75 22.27 17.52
CA THR A 184 -8.71 22.59 16.46
C THR A 184 -8.89 21.40 15.51
N ASN A 185 -9.97 21.45 14.74
CA ASN A 185 -10.36 20.34 13.86
C ASN A 185 -9.80 20.59 12.46
N THR A 186 -8.50 20.35 12.31
CA THR A 186 -7.86 20.47 11.01
C THR A 186 -6.95 19.27 10.80
N PHE A 187 -6.68 18.98 9.53
CA PHE A 187 -5.71 17.96 9.15
C PHE A 187 -4.34 18.65 9.09
N ASP A 188 -3.76 18.85 10.26
CA ASP A 188 -2.56 19.69 10.42
C ASP A 188 -1.34 18.94 9.91
N ILE A 189 -1.16 18.98 8.59
CA ILE A 189 0.09 18.59 7.94
C ILE A 189 0.70 19.85 7.33
N PRO A 190 1.84 20.33 7.84
CA PRO A 190 2.47 21.51 7.25
C PRO A 190 3.36 21.17 6.07
N VAL A 191 3.00 21.65 4.89
CA VAL A 191 3.84 21.47 3.71
C VAL A 191 5.01 22.45 3.82
N PRO A 192 6.24 21.97 3.66
CA PRO A 192 7.40 22.87 3.76
C PRO A 192 7.76 23.48 2.42
N THR A 193 8.45 24.61 2.49
CA THR A 193 8.93 25.28 1.29
C THR A 193 10.22 24.61 0.81
N PHE A 194 10.80 25.17 -0.26
CA PHE A 194 12.06 24.64 -0.77
C PHE A 194 13.22 24.93 0.18
N THR A 195 13.16 26.06 0.88
CA THR A 195 14.28 26.50 1.71
C THR A 195 14.49 25.59 2.92
N GLU A 196 13.43 25.36 3.71
CA GLU A 196 13.59 24.56 4.92
C GLU A 196 13.72 23.07 4.61
N LEU A 197 13.09 22.59 3.54
CA LEU A 197 13.25 21.20 3.15
C LEU A 197 14.64 20.93 2.60
N PHE A 198 15.20 21.87 1.84
CA PHE A 198 16.58 21.71 1.38
C PHE A 198 17.56 21.89 2.52
N LYS A 199 17.22 22.72 3.52
CA LYS A 199 18.04 22.85 4.71
C LYS A 199 18.07 21.56 5.51
N GLU A 200 16.93 20.85 5.58
CA GLU A 200 16.91 19.55 6.23
C GLU A 200 17.64 18.50 5.41
N HIS A 201 17.50 18.56 4.08
CA HIS A 201 18.13 17.57 3.20
C HIS A 201 19.63 17.75 3.06
N ALA A 202 20.15 18.96 3.29
CA ALA A 202 21.58 19.20 3.25
C ALA A 202 22.32 18.68 4.48
N VAL A 203 21.58 18.18 5.48
CA VAL A 203 22.18 17.67 6.71
C VAL A 203 22.21 16.12 6.70
N ALA A 204 21.59 15.50 5.70
CA ALA A 204 21.58 14.05 5.53
C ALA A 204 22.99 13.51 5.29
N PRO A 205 23.30 12.29 5.75
CA PRO A 205 24.70 11.81 5.73
C PRO A 205 25.29 11.63 4.34
N PHE A 206 24.50 11.26 3.35
CA PHE A 206 25.08 11.08 2.02
C PHE A 206 25.32 12.40 1.32
N PHE A 207 24.54 13.44 1.63
CA PHE A 207 24.87 14.78 1.18
C PHE A 207 26.18 15.26 1.79
N VAL A 208 26.39 14.98 3.07
CA VAL A 208 27.62 15.34 3.77
C VAL A 208 28.80 14.58 3.17
N PHE A 209 28.60 13.31 2.85
CA PHE A 209 29.64 12.50 2.22
C PHE A 209 29.97 13.03 0.81
N GLN A 210 28.96 13.44 0.05
CA GLN A 210 29.21 13.99 -1.28
C GLN A 210 29.92 15.33 -1.22
N VAL A 211 29.56 16.18 -0.25
CA VAL A 211 30.25 17.45 -0.07
C VAL A 211 31.69 17.24 0.39
N PHE A 212 31.91 16.21 1.23
CA PHE A 212 33.27 15.85 1.64
C PHE A 212 34.09 15.34 0.46
N CYS A 213 33.46 14.57 -0.45
CA CYS A 213 34.15 14.16 -1.68
C CYS A 213 34.45 15.35 -2.59
N VAL A 214 33.54 16.32 -2.66
CA VAL A 214 33.77 17.55 -3.43
C VAL A 214 34.96 18.32 -2.87
N GLY A 215 35.03 18.42 -1.54
CA GLY A 215 36.18 19.06 -0.91
C GLY A 215 37.49 18.30 -1.09
N LEU A 216 37.41 16.96 -1.10
CA LEU A 216 38.60 16.15 -1.36
C LEU A 216 39.11 16.35 -2.78
N TRP A 217 38.20 16.39 -3.77
CA TRP A 217 38.63 16.65 -5.14
C TRP A 217 39.09 18.09 -5.31
N LEU A 218 38.53 19.03 -4.55
CA LEU A 218 38.98 20.42 -4.58
C LEU A 218 40.37 20.57 -3.98
N LEU A 219 40.72 19.73 -3.00
CA LEU A 219 42.03 19.79 -2.39
C LEU A 219 43.12 19.31 -3.34
N ASP A 220 42.78 18.44 -4.28
CA ASP A 220 43.73 17.90 -5.24
C ASP A 220 43.76 18.71 -6.55
N GLU A 221 43.31 19.97 -6.50
CA GLU A 221 43.32 20.90 -7.64
C GLU A 221 42.54 20.38 -8.84
N TYR A 222 41.29 20.01 -8.59
CA TYR A 222 40.33 19.62 -9.63
C TYR A 222 39.18 20.60 -9.55
N TRP A 223 39.25 21.68 -10.34
CA TRP A 223 38.25 22.73 -10.24
C TRP A 223 36.99 22.39 -11.02
N TYR A 224 37.14 22.03 -12.30
CA TYR A 224 35.99 21.80 -13.17
C TYR A 224 35.21 20.56 -12.75
N TYR A 225 35.91 19.49 -12.35
CA TYR A 225 35.24 18.26 -11.93
C TYR A 225 34.45 18.48 -10.64
N SER A 226 35.05 19.18 -9.67
CA SER A 226 34.35 19.45 -8.42
C SER A 226 33.15 20.37 -8.62
N LEU A 227 33.31 21.37 -9.50
CA LEU A 227 32.18 22.25 -9.82
C LEU A 227 31.05 21.48 -10.50
N PHE A 228 31.40 20.57 -11.41
CA PHE A 228 30.39 19.78 -12.11
C PHE A 228 29.66 18.84 -11.16
N THR A 229 30.40 18.15 -10.28
CA THR A 229 29.71 17.22 -9.38
C THR A 229 28.96 17.95 -8.27
N LEU A 230 29.39 19.16 -7.92
CA LEU A 230 28.61 19.96 -6.97
C LEU A 230 27.31 20.45 -7.59
N VAL A 231 27.36 20.87 -8.86
CA VAL A 231 26.15 21.29 -9.57
C VAL A 231 25.19 20.11 -9.74
N MET A 232 25.73 18.92 -10.07
CA MET A 232 24.91 17.74 -10.23
C MET A 232 24.29 17.29 -8.91
N LEU A 233 25.06 17.38 -7.81
CA LEU A 233 24.51 17.06 -6.49
C LEU A 233 23.43 18.04 -6.08
N VAL A 234 23.62 19.33 -6.39
CA VAL A 234 22.62 20.35 -6.06
C VAL A 234 21.32 20.12 -6.82
N VAL A 235 21.41 19.83 -8.12
CA VAL A 235 20.19 19.63 -8.90
C VAL A 235 19.54 18.28 -8.57
N PHE A 236 20.32 17.26 -8.19
CA PHE A 236 19.71 15.99 -7.79
C PHE A 236 18.99 16.10 -6.45
N GLU A 237 19.58 16.83 -5.49
CA GLU A 237 18.89 17.04 -4.23
C GLU A 237 17.71 17.98 -4.39
N SER A 238 17.76 18.91 -5.34
CA SER A 238 16.59 19.72 -5.67
C SER A 238 15.47 18.86 -6.25
N THR A 239 15.83 17.89 -7.09
CA THR A 239 14.83 16.95 -7.63
C THR A 239 14.19 16.12 -6.52
N VAL A 240 15.00 15.64 -5.57
CA VAL A 240 14.48 14.85 -4.47
C VAL A 240 13.59 15.70 -3.56
N VAL A 241 13.99 16.95 -3.31
CA VAL A 241 13.20 17.85 -2.47
C VAL A 241 11.87 18.20 -3.15
N TRP A 242 11.89 18.44 -4.46
CA TRP A 242 10.64 18.69 -5.19
C TRP A 242 9.74 17.46 -5.23
N GLN A 243 10.32 16.25 -5.31
CA GLN A 243 9.54 15.02 -5.26
C GLN A 243 8.87 14.85 -3.90
N ARG A 244 9.60 15.11 -2.81
CA ARG A 244 9.03 15.03 -1.46
C ARG A 244 7.95 16.08 -1.26
N GLN A 245 8.18 17.30 -1.78
CA GLN A 245 7.18 18.36 -1.69
C GLN A 245 5.93 18.02 -2.48
N ARG A 246 6.08 17.39 -3.65
CA ARG A 246 4.93 16.95 -4.43
C ARG A 246 4.13 15.87 -3.71
N THR A 247 4.84 14.92 -3.08
CA THR A 247 4.17 13.86 -2.33
C THR A 247 3.43 14.42 -1.12
N LEU A 248 4.04 15.38 -0.42
CA LEU A 248 3.36 16.01 0.71
C LEU A 248 2.22 16.90 0.27
N THR A 249 2.29 17.47 -0.94
CA THR A 249 1.18 18.26 -1.46
C THR A 249 0.00 17.37 -1.83
N GLU A 250 0.25 16.21 -2.44
CA GLU A 250 -0.83 15.27 -2.72
C GLU A 250 -1.40 14.68 -1.44
N PHE A 251 -0.58 14.57 -0.39
CA PHE A 251 -1.13 14.19 0.91
C PHE A 251 -1.96 15.31 1.52
N ARG A 252 -1.57 16.57 1.27
CA ARG A 252 -2.31 17.70 1.80
C ARG A 252 -3.63 17.90 1.05
N SER A 253 -3.72 17.35 -0.17
CA SER A 253 -4.97 17.48 -0.94
C SER A 253 -6.05 16.56 -0.41
N MET A 254 -5.69 15.62 0.48
CA MET A 254 -6.65 14.68 1.05
C MET A 254 -7.47 15.33 2.17
N SER A 255 -7.02 16.49 2.65
CA SER A 255 -7.68 17.20 3.73
C SER A 255 -8.99 17.82 3.28
N ILE A 256 -9.97 17.82 4.17
CA ILE A 256 -11.27 18.43 3.89
C ILE A 256 -11.15 19.94 4.11
N LYS A 257 -11.54 20.71 3.09
CA LYS A 257 -11.53 22.15 3.21
C LYS A 257 -12.64 22.61 4.15
N PRO A 258 -12.44 23.71 4.88
CA PRO A 258 -13.49 24.20 5.79
C PRO A 258 -14.68 24.75 5.02
N TYR A 259 -15.87 24.40 5.50
CA TYR A 259 -17.14 24.85 4.95
C TYR A 259 -18.05 25.23 6.11
N PRO A 260 -18.95 26.19 5.92
CA PRO A 260 -19.79 26.66 7.04
C PRO A 260 -20.83 25.62 7.45
N ILE A 261 -20.80 25.25 8.72
CA ILE A 261 -21.76 24.34 9.34
C ILE A 261 -22.47 25.11 10.45
N TYR A 262 -23.71 24.72 10.74
CA TYR A 262 -24.51 25.31 11.80
C TYR A 262 -24.35 24.49 13.07
N VAL A 263 -23.65 25.05 14.05
CA VAL A 263 -23.46 24.41 15.34
C VAL A 263 -24.37 25.09 16.34
N TYR A 264 -24.53 24.46 17.51
CA TYR A 264 -25.34 24.99 18.60
C TYR A 264 -24.41 25.32 19.75
N ARG A 265 -24.00 26.59 19.83
CA ARG A 265 -23.05 27.04 20.84
C ARG A 265 -23.68 28.15 21.66
N LEU A 266 -23.48 28.09 22.98
CA LEU A 266 -23.97 29.07 23.95
C LEU A 266 -25.49 29.24 23.91
N GLY A 267 -26.20 28.17 23.57
CA GLY A 267 -27.64 28.23 23.43
C GLY A 267 -28.16 28.81 22.14
N LYS A 268 -27.29 29.06 21.16
CA LYS A 268 -27.71 29.71 19.93
C LYS A 268 -27.11 28.98 18.73
N TRP A 269 -27.84 28.97 17.62
CA TRP A 269 -27.29 28.46 16.38
C TRP A 269 -26.30 29.45 15.80
N THR A 270 -25.11 28.96 15.49
CA THR A 270 -24.03 29.78 14.96
C THR A 270 -23.41 29.07 13.77
N GLU A 271 -23.26 29.81 12.67
CA GLU A 271 -22.56 29.31 11.49
C GLU A 271 -21.06 29.52 11.72
N ILE A 272 -20.28 28.46 11.46
CA ILE A 272 -18.84 28.52 11.65
C ILE A 272 -18.20 27.46 10.75
N GLN A 273 -16.94 27.69 10.40
CA GLN A 273 -16.23 26.77 9.54
C GLN A 273 -15.88 25.50 10.29
N SER A 274 -15.53 24.45 9.53
CA SER A 274 -15.28 23.14 10.11
C SER A 274 -13.91 23.03 10.76
N ASP A 275 -13.06 24.05 10.66
CA ASP A 275 -11.77 24.03 11.34
C ASP A 275 -11.92 24.13 12.85
N LYS A 276 -12.97 24.79 13.33
CA LYS A 276 -13.27 24.90 14.75
C LYS A 276 -14.41 23.93 15.06
N LEU A 277 -14.05 22.77 15.61
CA LEU A 277 -15.03 21.76 16.00
C LEU A 277 -14.44 20.93 17.13
N LEU A 278 -15.12 20.94 18.26
CA LEU A 278 -14.69 20.30 19.51
C LEU A 278 -15.63 19.14 19.86
N PRO A 279 -15.16 18.16 20.63
CA PRO A 279 -16.05 17.06 21.03
C PRO A 279 -17.16 17.54 21.97
N GLY A 280 -18.32 16.91 21.84
CA GLY A 280 -19.50 17.32 22.58
C GLY A 280 -20.27 18.47 21.99
N ASP A 281 -19.81 19.02 20.86
CA ASP A 281 -20.50 20.14 20.23
C ASP A 281 -21.69 19.64 19.42
N LEU A 282 -22.86 20.23 19.68
CA LEU A 282 -24.05 19.92 18.90
C LEU A 282 -23.93 20.56 17.52
N VAL A 283 -24.17 19.77 16.48
CA VAL A 283 -23.97 20.21 15.10
C VAL A 283 -25.20 19.80 14.29
N SER A 284 -25.39 20.48 13.16
CA SER A 284 -26.47 20.16 12.24
C SER A 284 -25.86 19.76 10.90
N VAL A 285 -26.18 18.55 10.44
CA VAL A 285 -25.69 18.05 9.16
C VAL A 285 -26.79 18.20 8.12
N THR A 286 -26.41 18.73 6.96
CA THR A 286 -27.28 18.87 5.80
C THR A 286 -26.68 18.06 4.66
N ARG A 287 -27.21 18.24 3.46
CA ARG A 287 -26.64 17.64 2.26
C ARG A 287 -25.27 18.26 2.00
N THR A 288 -24.24 17.41 1.93
CA THR A 288 -22.89 17.90 1.73
C THR A 288 -22.68 18.35 0.29
N LYS A 289 -21.74 19.25 0.07
CA LYS A 289 -21.44 19.72 -1.27
C LYS A 289 -20.33 18.86 -1.89
N GLU A 290 -19.92 19.26 -3.09
CA GLU A 290 -18.88 18.51 -3.80
C GLU A 290 -17.52 18.77 -3.18
N ASP A 291 -16.62 17.78 -3.36
CA ASP A 291 -15.25 17.77 -2.84
C ASP A 291 -15.18 17.91 -1.32
N SER A 292 -16.18 17.42 -0.61
CA SER A 292 -16.21 17.48 0.85
C SER A 292 -17.12 16.39 1.37
N GLY A 293 -16.62 15.62 2.34
CA GLY A 293 -17.46 14.69 3.07
C GLY A 293 -18.08 15.41 4.25
N VAL A 294 -17.85 14.91 5.45
CA VAL A 294 -18.14 15.64 6.67
C VAL A 294 -16.85 15.77 7.47
N ALA A 295 -16.76 16.80 8.29
CA ALA A 295 -15.64 16.91 9.22
C ALA A 295 -15.94 16.09 10.46
N CYS A 296 -14.93 15.31 10.90
CA CYS A 296 -14.84 14.54 12.14
C CYS A 296 -15.95 13.50 12.34
N ASP A 297 -15.83 12.69 13.39
CA ASP A 297 -16.79 11.64 13.67
C ASP A 297 -17.92 12.19 14.54
N MET A 298 -19.16 11.89 14.16
CA MET A 298 -20.34 12.33 14.89
C MET A 298 -21.25 11.16 15.18
N ILE A 299 -22.16 11.37 16.12
CA ILE A 299 -23.24 10.42 16.41
C ILE A 299 -24.57 11.13 16.16
N LEU A 300 -25.45 10.49 15.40
CA LEU A 300 -26.75 11.08 15.09
C LEU A 300 -27.63 11.09 16.34
N VAL A 301 -28.14 12.26 16.68
CA VAL A 301 -29.04 12.41 17.83
C VAL A 301 -30.50 12.48 17.40
N GLU A 302 -30.81 13.35 16.43
CA GLU A 302 -32.16 13.47 15.90
C GLU A 302 -32.07 13.56 14.39
N GLY A 303 -32.63 12.57 13.70
CA GLY A 303 -32.69 12.57 12.25
C GLY A 303 -32.11 11.30 11.66
N THR A 304 -32.35 11.16 10.36
CA THR A 304 -31.87 10.03 9.56
C THR A 304 -30.99 10.56 8.44
N ALA A 305 -29.82 9.95 8.26
CA ALA A 305 -28.84 10.42 7.29
C ALA A 305 -28.51 9.31 6.32
N ILE A 306 -28.73 9.56 5.03
CA ILE A 306 -28.31 8.65 3.98
C ILE A 306 -26.88 9.06 3.61
N VAL A 307 -25.91 8.22 3.98
CA VAL A 307 -24.50 8.55 3.84
C VAL A 307 -23.84 7.55 2.89
N ASN A 308 -22.64 7.91 2.43
CA ASN A 308 -21.83 7.09 1.53
C ASN A 308 -20.41 7.04 2.07
N GLU A 309 -20.01 5.88 2.59
CA GLU A 309 -18.63 5.67 3.06
C GLU A 309 -17.75 5.09 1.95
N ALA A 310 -17.50 5.93 0.95
CA ALA A 310 -16.55 5.59 -0.10
C ALA A 310 -15.10 5.81 0.31
N MET A 311 -14.87 6.44 1.47
CA MET A 311 -13.52 6.68 1.98
C MET A 311 -13.06 5.54 2.88
N LEU A 312 -13.85 5.19 3.90
CA LEU A 312 -13.47 4.13 4.83
C LEU A 312 -13.59 2.75 4.20
N SER A 313 -14.53 2.56 3.29
CA SER A 313 -14.69 1.30 2.57
C SER A 313 -14.70 1.58 1.08
N GLY A 314 -14.33 0.57 0.30
CA GLY A 314 -14.19 0.75 -1.13
C GLY A 314 -15.51 0.96 -1.85
N GLU A 315 -16.56 0.25 -1.43
CA GLU A 315 -17.81 0.29 -2.16
C GLU A 315 -18.55 1.60 -1.93
N SER A 316 -19.41 1.93 -2.88
CA SER A 316 -20.15 3.19 -2.89
C SER A 316 -21.64 2.98 -2.61
N THR A 317 -22.00 1.88 -1.96
CA THR A 317 -23.39 1.66 -1.60
C THR A 317 -23.79 2.57 -0.45
N PRO A 318 -24.86 3.35 -0.58
CA PRO A 318 -25.24 4.29 0.49
C PRO A 318 -25.93 3.56 1.63
N LEU A 319 -25.46 3.81 2.85
CA LEU A 319 -26.10 3.26 4.02
C LEU A 319 -27.04 4.28 4.66
N LEU A 320 -27.92 3.76 5.51
CA LEU A 320 -29.04 4.50 6.10
C LEU A 320 -28.80 4.63 7.61
N LYS A 321 -28.07 5.68 8.00
CA LYS A 321 -27.77 5.91 9.40
C LYS A 321 -29.01 6.41 10.13
N ASP A 322 -29.43 5.66 11.15
CA ASP A 322 -30.61 5.97 11.94
C ASP A 322 -30.24 6.90 13.10
N SER A 323 -31.16 7.07 14.03
CA SER A 323 -31.02 7.99 15.15
C SER A 323 -30.90 7.22 16.47
N ILE A 324 -30.73 7.97 17.56
CA ILE A 324 -30.69 7.42 18.90
C ILE A 324 -31.86 7.88 19.75
N GLN A 325 -32.75 8.71 19.22
CA GLN A 325 -33.90 9.19 19.99
C GLN A 325 -34.93 8.10 20.21
N LEU A 326 -34.98 7.08 19.35
CA LEU A 326 -35.88 5.96 19.58
C LEU A 326 -35.35 5.02 20.65
N ARG A 327 -34.03 4.88 20.75
CA ARG A 327 -33.43 4.09 21.81
C ARG A 327 -33.62 4.81 23.16
N PRO A 328 -33.89 4.06 24.23
CA PRO A 328 -33.97 4.69 25.56
C PRO A 328 -32.63 5.29 26.00
N GLY A 329 -32.72 6.38 26.76
CA GLY A 329 -31.53 7.11 27.17
C GLY A 329 -30.71 6.42 28.24
N ASP A 330 -31.30 5.47 28.96
CA ASP A 330 -30.59 4.74 30.00
C ASP A 330 -29.79 3.58 29.45
N ALA A 331 -29.88 3.31 28.15
CA ALA A 331 -29.16 2.18 27.55
C ALA A 331 -27.68 2.49 27.42
N VAL A 332 -26.86 1.45 27.63
CA VAL A 332 -25.42 1.58 27.46
C VAL A 332 -25.10 1.65 25.97
N LEU A 333 -24.24 2.60 25.59
CA LEU A 333 -23.84 2.76 24.20
C LEU A 333 -23.04 1.55 23.73
N GLU A 334 -23.43 0.98 22.59
CA GLU A 334 -22.79 -0.17 22.00
C GLU A 334 -22.30 0.25 20.61
N VAL A 335 -21.02 0.60 20.51
CA VAL A 335 -20.47 1.11 19.26
C VAL A 335 -20.38 0.00 18.21
N ASP A 336 -20.22 -1.25 18.64
CA ASP A 336 -20.11 -2.38 17.72
C ASP A 336 -21.40 -3.15 17.57
N GLY A 337 -22.48 -2.72 18.23
CA GLY A 337 -23.72 -3.46 18.21
C GLY A 337 -24.88 -2.75 17.56
N LEU A 338 -25.85 -2.31 18.38
CA LEU A 338 -27.05 -1.68 17.86
C LEU A 338 -26.75 -0.27 17.33
N ASP A 339 -25.84 0.45 17.98
CA ASP A 339 -25.53 1.83 17.61
C ASP A 339 -24.38 1.93 16.62
N LYS A 340 -24.15 0.89 15.81
CA LYS A 340 -23.16 0.99 14.74
C LYS A 340 -23.62 1.95 13.65
N ASN A 341 -24.91 1.90 13.31
CA ASN A 341 -25.44 2.82 12.31
C ASN A 341 -25.82 4.15 12.93
N SER A 342 -25.70 4.29 14.25
CA SER A 342 -25.99 5.56 14.90
C SER A 342 -24.92 6.60 14.60
N LEU A 343 -23.67 6.18 14.47
CA LEU A 343 -22.57 7.12 14.28
C LEU A 343 -22.45 7.56 12.83
N LEU A 344 -21.83 8.71 12.63
CA LEU A 344 -21.46 9.22 11.31
C LEU A 344 -19.96 9.45 11.30
N TRP A 345 -19.28 8.88 10.32
CA TRP A 345 -17.82 8.90 10.27
C TRP A 345 -17.32 10.05 9.40
N GLY A 346 -16.15 10.55 9.74
CA GLY A 346 -15.59 11.67 9.01
C GLY A 346 -15.06 11.27 7.64
N GLY A 347 -15.06 12.24 6.73
CA GLY A 347 -14.60 12.02 5.38
C GLY A 347 -15.59 11.35 4.46
N THR A 348 -16.81 11.09 4.92
CA THR A 348 -17.81 10.36 4.17
C THR A 348 -18.91 11.31 3.69
N LYS A 349 -19.34 11.11 2.45
CA LYS A 349 -20.33 11.97 1.82
C LYS A 349 -21.74 11.56 2.27
N VAL A 350 -22.46 12.51 2.86
CA VAL A 350 -23.86 12.28 3.21
C VAL A 350 -24.73 12.61 2.00
N LEU A 351 -25.53 11.64 1.56
CA LEU A 351 -26.30 11.80 0.33
C LEU A 351 -27.67 12.42 0.56
N GLN A 352 -28.23 12.29 1.76
CA GLN A 352 -29.54 12.88 2.03
C GLN A 352 -29.71 13.05 3.53
N ILE A 353 -30.52 14.03 3.92
CA ILE A 353 -30.91 14.24 5.31
C ILE A 353 -32.44 14.25 5.36
N THR A 354 -33.01 13.36 6.17
CA THR A 354 -34.46 13.31 6.31
C THR A 354 -34.81 13.20 7.80
N HIS A 355 -36.01 13.69 8.14
CA HIS A 355 -36.49 13.65 9.50
C HIS A 355 -37.52 12.56 9.74
N GLY A 356 -37.72 11.67 8.77
CA GLY A 356 -38.68 10.58 8.91
C GLY A 356 -40.11 11.01 8.66
N ALA A 366 -36.57 16.38 20.81
CA ALA A 366 -36.23 15.44 21.87
C ALA A 366 -35.58 16.15 23.04
N SER A 367 -34.59 16.99 22.74
CA SER A 367 -33.88 17.74 23.77
C SER A 367 -34.54 19.07 24.11
N GLY A 368 -35.59 19.46 23.39
CA GLY A 368 -36.26 20.72 23.62
C GLY A 368 -35.62 21.92 22.97
N ILE A 369 -34.51 21.73 22.25
CA ILE A 369 -33.81 22.83 21.59
C ILE A 369 -34.59 23.22 20.33
N PRO A 370 -34.47 24.47 19.85
CA PRO A 370 -35.10 24.83 18.59
C PRO A 370 -34.44 24.12 17.42
N PRO A 371 -35.17 23.88 16.33
CA PRO A 371 -34.56 23.26 15.14
C PRO A 371 -33.60 24.23 14.46
N PRO A 372 -32.63 23.71 13.71
CA PRO A 372 -31.71 24.58 12.97
C PRO A 372 -32.41 25.35 11.87
N PRO A 373 -31.88 26.51 11.46
CA PRO A 373 -32.49 27.26 10.35
C PRO A 373 -32.50 26.50 9.02
N ASP A 374 -31.48 25.71 8.76
CA ASP A 374 -31.50 24.79 7.62
C ASP A 374 -32.00 23.43 8.09
N ASN A 375 -32.77 22.76 7.24
CA ASN A 375 -33.37 21.49 7.62
C ASN A 375 -32.31 20.39 7.65
N GLY A 376 -31.71 20.17 8.82
CA GLY A 376 -30.65 19.19 8.96
C GLY A 376 -30.85 18.35 10.23
N ALA A 377 -30.04 17.31 10.33
CA ALA A 377 -30.10 16.39 11.45
C ALA A 377 -29.14 16.82 12.55
N MET A 378 -29.52 16.55 13.80
CA MET A 378 -28.72 16.92 14.95
C MET A 378 -27.73 15.81 15.27
N ALA A 379 -26.45 16.16 15.42
CA ALA A 379 -25.40 15.20 15.71
C ALA A 379 -24.49 15.77 16.78
N VAL A 380 -23.73 14.87 17.42
CA VAL A 380 -22.79 15.24 18.47
C VAL A 380 -21.40 14.77 18.07
N VAL A 381 -20.43 15.68 18.12
CA VAL A 381 -19.05 15.36 17.75
C VAL A 381 -18.43 14.47 18.81
N THR A 382 -17.83 13.36 18.36
CA THR A 382 -17.16 12.42 19.25
C THR A 382 -15.65 12.51 19.15
N LYS A 383 -15.10 12.34 17.95
CA LYS A 383 -13.65 12.30 17.72
C LYS A 383 -13.30 13.39 16.70
N THR A 384 -12.71 14.47 17.17
CA THR A 384 -12.40 15.60 16.30
C THR A 384 -10.92 15.64 15.96
N GLY A 385 -10.58 16.42 14.95
CA GLY A 385 -9.21 16.73 14.62
C GLY A 385 -8.53 15.59 13.87
N PHE A 386 -7.27 15.38 14.21
CA PHE A 386 -6.46 14.37 13.55
C PHE A 386 -6.73 12.96 14.09
N GLU A 387 -7.51 12.84 15.16
CA GLU A 387 -7.82 11.56 15.78
C GLU A 387 -9.13 10.95 15.30
N THR A 388 -9.79 11.55 14.32
CA THR A 388 -10.91 10.90 13.67
C THR A 388 -10.40 9.75 12.81
N SER A 389 -11.33 8.86 12.41
CA SER A 389 -10.95 7.57 11.82
C SER A 389 -10.22 7.72 10.49
N GLN A 390 -10.74 8.59 9.61
CA GLN A 390 -10.01 8.94 8.40
C GLN A 390 -8.72 9.66 8.74
N GLY A 391 -8.75 10.56 9.73
CA GLY A 391 -7.55 11.23 10.17
C GLY A 391 -6.54 10.31 10.84
N SER A 392 -7.02 9.33 11.61
CA SER A 392 -6.13 8.35 12.20
C SER A 392 -5.54 7.40 11.17
N LEU A 393 -6.22 7.17 10.05
CA LEU A 393 -5.59 6.47 8.94
C LEU A 393 -4.62 7.34 8.16
N VAL A 394 -4.90 8.65 8.04
CA VAL A 394 -3.99 9.57 7.36
C VAL A 394 -2.69 9.74 8.15
N ARG A 395 -2.79 9.77 9.49
CA ARG A 395 -1.60 9.84 10.33
C ARG A 395 -0.73 8.60 10.19
N THR A 396 -1.34 7.43 10.06
CA THR A 396 -0.58 6.21 9.83
C THR A 396 0.01 6.20 8.41
N MET A 397 -0.73 6.71 7.43
CA MET A 397 -0.27 6.68 6.05
C MET A 397 0.80 7.72 5.75
N ILE A 398 0.96 8.75 6.60
CA ILE A 398 1.97 9.76 6.33
C ILE A 398 3.13 9.66 7.30
N TYR A 399 2.86 9.83 8.60
CA TYR A 399 3.92 9.97 9.58
C TYR A 399 4.28 8.67 10.28
N SER A 400 3.37 7.69 10.34
CA SER A 400 3.60 6.45 11.05
C SER A 400 3.73 5.25 10.12
N THR A 401 4.17 5.46 8.90
CA THR A 401 4.37 4.38 7.94
C THR A 401 5.85 3.99 7.84
N GLU A 402 6.09 2.87 7.21
CA GLU A 402 7.45 2.45 6.87
C GLU A 402 7.85 3.13 5.57
N ARG A 403 8.85 4.01 5.63
CA ARG A 403 9.20 4.84 4.49
C ARG A 403 10.08 4.09 3.50
N VAL A 404 9.93 4.44 2.23
CA VAL A 404 10.83 3.92 1.20
C VAL A 404 12.23 4.50 1.34
N SER A 405 12.32 5.75 1.80
CA SER A 405 13.59 6.46 1.88
C SER A 405 14.41 6.08 3.11
N ALA A 406 13.86 5.25 4.00
CA ALA A 406 14.64 4.71 5.11
C ALA A 406 15.71 3.76 4.57
N ASN A 407 16.94 3.97 5.00
CA ASN A 407 18.08 3.24 4.43
C ASN A 407 18.08 1.79 4.91
N ASN A 408 17.97 0.86 3.98
CA ASN A 408 17.96 -0.55 4.30
C ASN A 408 19.36 -1.00 4.71
N THR A 409 19.40 -2.08 5.50
CA THR A 409 20.69 -2.64 5.90
C THR A 409 21.38 -3.36 4.74
N GLU A 410 20.61 -3.79 3.73
CA GLU A 410 21.20 -4.47 2.58
C GLU A 410 22.01 -3.52 1.72
N ALA A 411 21.49 -2.30 1.49
CA ALA A 411 22.23 -1.31 0.71
C ALA A 411 23.47 -0.84 1.46
N LEU A 412 23.37 -0.69 2.79
CA LEU A 412 24.53 -0.28 3.57
C LEU A 412 25.58 -1.37 3.64
N LEU A 413 25.15 -2.64 3.69
CA LEU A 413 26.10 -3.74 3.63
C LEU A 413 26.73 -3.88 2.24
N PHE A 414 26.00 -3.54 1.19
CA PHE A 414 26.57 -3.49 -0.15
C PHE A 414 27.60 -2.37 -0.27
N ILE A 415 27.32 -1.22 0.35
CA ILE A 415 28.27 -0.12 0.38
C ILE A 415 29.50 -0.51 1.19
N LEU A 416 29.32 -1.28 2.27
CA LEU A 416 30.45 -1.79 3.04
C LEU A 416 31.26 -2.83 2.26
N PHE A 417 30.60 -3.62 1.41
CA PHE A 417 31.32 -4.53 0.52
C PHE A 417 32.17 -3.77 -0.50
N LEU A 418 31.61 -2.69 -1.05
CA LEU A 418 32.36 -1.81 -1.93
C LEU A 418 33.53 -1.14 -1.19
N LEU A 419 33.32 -0.80 0.08
CA LEU A 419 34.39 -0.22 0.87
C LEU A 419 35.46 -1.25 1.22
N VAL A 420 35.08 -2.52 1.33
CA VAL A 420 36.06 -3.59 1.51
C VAL A 420 36.95 -3.70 0.28
N PHE A 421 36.35 -3.63 -0.91
CA PHE A 421 37.15 -3.60 -2.14
C PHE A 421 38.00 -2.33 -2.22
N ALA A 422 37.47 -1.21 -1.74
CA ALA A 422 38.19 0.05 -1.70
C ALA A 422 39.42 -0.04 -0.81
N LEU A 423 39.27 -0.63 0.37
CA LEU A 423 40.40 -0.81 1.28
C LEU A 423 41.40 -1.81 0.74
N ALA A 424 40.92 -2.83 0.01
CA ALA A 424 41.81 -3.79 -0.63
C ALA A 424 42.70 -3.12 -1.69
N ALA A 425 42.14 -2.19 -2.46
CA ALA A 425 42.97 -1.46 -3.43
C ALA A 425 43.86 -0.42 -2.73
N SER A 426 43.31 0.26 -1.72
CA SER A 426 44.00 1.39 -1.10
C SER A 426 45.16 0.94 -0.23
N TRP A 427 45.06 -0.24 0.40
CA TRP A 427 46.18 -0.76 1.17
C TRP A 427 47.36 -1.10 0.27
N TYR A 428 47.09 -1.66 -0.91
CA TYR A 428 48.17 -1.97 -1.85
C TYR A 428 48.80 -0.69 -2.41
N VAL A 429 47.97 0.32 -2.71
CA VAL A 429 48.56 1.55 -3.23
C VAL A 429 49.32 2.30 -2.12
N TRP A 430 48.89 2.15 -0.86
CA TRP A 430 49.63 2.76 0.25
C TRP A 430 50.96 2.05 0.48
N ASP A 431 50.97 0.72 0.39
CA ASP A 431 52.21 -0.03 0.53
C ASP A 431 53.18 0.28 -0.60
N GLU A 432 52.68 0.39 -1.83
CA GLU A 432 53.55 0.72 -2.95
C GLU A 432 54.07 2.15 -2.89
N GLY A 433 53.28 3.08 -2.36
CA GLY A 433 53.77 4.44 -2.19
C GLY A 433 54.73 4.59 -1.02
N VAL A 434 54.54 3.78 0.04
CA VAL A 434 55.47 3.81 1.17
C VAL A 434 56.81 3.20 0.78
N ARG A 435 56.78 2.09 0.04
CA ARG A 435 58.03 1.43 -0.37
C ARG A 435 58.81 2.25 -1.39
N LYS A 436 58.13 3.09 -2.17
CA LYS A 436 58.79 3.95 -3.14
C LYS A 436 59.07 5.34 -2.60
N ASP A 437 58.72 5.61 -1.34
CA ASP A 437 59.07 6.83 -0.60
C ASP A 437 58.50 8.10 -1.26
N ARG A 438 57.19 8.09 -1.49
CA ARG A 438 56.51 9.28 -1.98
C ARG A 438 56.18 10.21 -0.82
N LYS A 439 55.58 11.35 -1.13
CA LYS A 439 55.13 12.27 -0.09
C LYS A 439 53.92 11.69 0.61
N ARG A 440 53.94 11.70 1.95
CA ARG A 440 52.94 10.97 2.72
C ARG A 440 51.58 11.68 2.69
N SER A 441 51.56 13.01 2.61
CA SER A 441 50.28 13.71 2.53
C SER A 441 49.60 13.48 1.19
N LYS A 442 50.39 13.52 0.09
CA LYS A 442 49.84 13.23 -1.24
C LYS A 442 49.40 11.79 -1.36
N LEU A 443 50.16 10.86 -0.77
CA LEU A 443 49.78 9.46 -0.76
C LEU A 443 48.52 9.22 0.04
N LEU A 444 48.39 9.89 1.20
CA LEU A 444 47.19 9.78 2.01
C LEU A 444 45.97 10.34 1.29
N LEU A 445 46.14 11.47 0.60
CA LEU A 445 45.04 12.05 -0.16
C LEU A 445 44.63 11.14 -1.33
N ASP A 446 45.61 10.51 -1.97
CA ASP A 446 45.31 9.55 -3.04
C ASP A 446 44.56 8.33 -2.51
N CYS A 447 44.96 7.82 -1.35
CA CYS A 447 44.27 6.67 -0.76
C CYS A 447 42.85 7.03 -0.33
N ILE A 448 42.66 8.23 0.23
CA ILE A 448 41.32 8.65 0.63
C ILE A 448 40.44 8.90 -0.59
N LEU A 449 41.02 9.41 -1.68
CA LEU A 449 40.27 9.57 -2.92
C LEU A 449 39.86 8.22 -3.52
N ILE A 450 40.77 7.24 -3.46
CA ILE A 450 40.47 5.89 -3.95
C ILE A 450 39.36 5.26 -3.12
N ILE A 451 39.41 5.43 -1.79
CA ILE A 451 38.38 4.89 -0.91
C ILE A 451 37.04 5.58 -1.15
N THR A 452 37.04 6.91 -1.26
CA THR A 452 35.81 7.68 -1.38
C THR A 452 35.20 7.65 -2.77
N SER A 453 35.91 7.16 -3.79
CA SER A 453 35.38 7.10 -5.13
C SER A 453 34.61 5.80 -5.42
N VAL A 454 34.26 5.04 -4.38
CA VAL A 454 33.58 3.75 -4.54
C VAL A 454 32.15 3.80 -4.02
N VAL A 455 31.91 4.56 -2.96
CA VAL A 455 30.58 4.62 -2.35
C VAL A 455 29.65 5.41 -3.25
N PRO A 456 28.58 4.80 -3.78
CA PRO A 456 27.64 5.55 -4.59
C PRO A 456 26.60 6.23 -3.72
N PRO A 457 26.55 7.56 -3.74
CA PRO A 457 25.63 8.28 -2.83
C PRO A 457 24.17 8.14 -3.20
N GLU A 458 23.84 7.78 -4.43
CA GLU A 458 22.45 7.59 -4.85
C GLU A 458 21.93 6.20 -4.58
N LEU A 459 22.80 5.26 -4.19
CA LEU A 459 22.45 3.85 -4.00
C LEU A 459 21.42 3.56 -2.89
N PRO A 460 21.46 4.17 -1.69
CA PRO A 460 20.37 3.90 -0.74
C PRO A 460 19.04 4.54 -1.12
N MET A 461 19.04 5.52 -2.01
CA MET A 461 17.82 6.22 -2.41
C MET A 461 17.32 5.76 -3.78
N GLU A 462 17.87 4.66 -4.30
CA GLU A 462 17.47 4.21 -5.64
C GLU A 462 16.11 3.52 -5.62
N LEU A 463 15.80 2.81 -4.52
CA LEU A 463 14.51 2.14 -4.41
C LEU A 463 13.37 3.16 -4.31
N SER A 464 13.61 4.29 -3.63
CA SER A 464 12.61 5.35 -3.56
C SER A 464 12.35 5.97 -4.93
N LEU A 465 13.41 6.16 -5.72
CA LEU A 465 13.26 6.69 -7.08
C LEU A 465 12.51 5.71 -7.98
N ALA A 466 12.80 4.42 -7.86
CA ALA A 466 12.09 3.41 -8.65
C ALA A 466 10.62 3.33 -8.25
N VAL A 467 10.35 3.45 -6.94
CA VAL A 467 8.96 3.46 -6.45
C VAL A 467 8.21 4.70 -6.95
N ASN A 468 8.88 5.86 -6.97
CA ASN A 468 8.24 7.08 -7.47
C ASN A 468 7.97 7.00 -8.96
N THR A 469 8.89 6.41 -9.73
CA THR A 469 8.66 6.20 -11.15
C THR A 469 7.51 5.20 -11.38
N SER A 470 7.42 4.18 -10.53
CA SER A 470 6.31 3.22 -10.62
C SER A 470 4.98 3.87 -10.27
N LEU A 471 4.98 4.80 -9.31
CA LEU A 471 3.75 5.53 -8.97
C LEU A 471 3.32 6.44 -10.11
N SER A 472 4.29 7.12 -10.75
CA SER A 472 3.98 7.95 -11.91
C SER A 472 3.49 7.12 -13.09
N ALA A 473 3.98 5.89 -13.23
CA ALA A 473 3.49 5.01 -14.29
C ALA A 473 2.11 4.46 -13.96
N LEU A 474 1.86 4.17 -12.68
CA LEU A 474 0.58 3.61 -12.25
C LEU A 474 -0.53 4.64 -12.24
N ALA A 475 -0.19 5.93 -12.14
CA ALA A 475 -1.21 6.98 -12.18
C ALA A 475 -1.85 7.14 -13.56
N LYS A 476 -1.25 6.58 -14.61
CA LYS A 476 -1.86 6.62 -15.94
C LYS A 476 -3.11 5.75 -16.00
N PHE A 477 -3.10 4.61 -15.32
CA PHE A 477 -4.23 3.70 -15.30
C PHE A 477 -5.23 4.00 -14.19
N ALA A 478 -5.22 5.23 -13.67
CA ALA A 478 -6.07 5.70 -12.56
C ALA A 478 -5.92 4.83 -11.32
N ILE A 479 -4.68 4.40 -11.06
CA ILE A 479 -4.33 3.63 -9.86
C ILE A 479 -3.52 4.53 -8.96
N PHE A 480 -4.04 4.80 -7.77
CA PHE A 480 -3.38 5.68 -6.81
C PHE A 480 -2.97 4.86 -5.59
N CYS A 481 -1.71 4.96 -5.22
CA CYS A 481 -1.15 4.18 -4.13
C CYS A 481 -0.98 5.06 -2.89
N THR A 482 -1.56 4.61 -1.78
CA THR A 482 -1.48 5.32 -0.51
C THR A 482 -0.15 5.09 0.20
N GLU A 483 0.23 3.83 0.38
CA GLU A 483 1.46 3.48 1.08
C GLU A 483 2.47 2.96 0.06
N PRO A 484 3.46 3.76 -0.34
CA PRO A 484 4.34 3.38 -1.46
C PRO A 484 5.39 2.35 -1.12
N PHE A 485 5.48 1.87 0.11
CA PHE A 485 6.44 0.82 0.45
C PHE A 485 5.94 -0.57 0.09
N ARG A 486 4.71 -0.69 -0.38
CA ARG A 486 4.18 -1.96 -0.87
C ARG A 486 4.37 -2.14 -2.37
N ILE A 487 4.99 -1.16 -3.03
CA ILE A 487 5.33 -1.32 -4.45
C ILE A 487 6.36 -2.42 -4.70
N PRO A 488 7.47 -2.54 -3.93
CA PRO A 488 8.32 -3.74 -4.11
C PRO A 488 7.64 -5.04 -3.72
N PHE A 489 6.66 -5.00 -2.80
CA PHE A 489 5.93 -6.21 -2.42
C PHE A 489 5.15 -6.78 -3.60
N ALA A 490 4.61 -5.90 -4.45
CA ALA A 490 3.95 -6.32 -5.68
C ALA A 490 4.91 -6.99 -6.65
N GLY A 491 6.21 -6.77 -6.51
CA GLY A 491 7.17 -7.51 -7.32
C GLY A 491 7.43 -8.93 -6.86
N ARG A 492 6.92 -9.33 -5.69
CA ARG A 492 7.20 -10.65 -5.16
C ARG A 492 5.94 -11.33 -4.65
N ILE A 493 4.80 -11.08 -5.30
CA ILE A 493 3.53 -11.64 -4.85
C ILE A 493 3.41 -13.08 -5.28
N ASP A 494 3.16 -13.97 -4.32
CA ASP A 494 2.97 -15.39 -4.60
C ASP A 494 1.50 -15.75 -4.77
N VAL A 495 0.63 -15.25 -3.89
CA VAL A 495 -0.80 -15.53 -3.94
C VAL A 495 -1.52 -14.23 -4.25
N ALA A 496 -2.37 -14.24 -5.28
CA ALA A 496 -3.13 -13.07 -5.70
C ALA A 496 -4.61 -13.38 -5.44
N CYS A 497 -5.07 -13.02 -4.24
CA CYS A 497 -6.45 -13.31 -3.85
C CYS A 497 -7.41 -12.35 -4.54
N PHE A 498 -8.62 -12.83 -4.79
CA PHE A 498 -9.63 -12.08 -5.50
C PHE A 498 -10.98 -12.21 -4.81
N ASP A 499 -11.72 -11.10 -4.80
CA ASP A 499 -13.14 -11.19 -4.48
C ASP A 499 -13.91 -11.58 -5.74
N LYS A 500 -15.13 -12.08 -5.54
CA LYS A 500 -15.94 -12.47 -6.69
C LYS A 500 -16.89 -11.36 -7.11
N THR A 501 -17.81 -10.97 -6.22
CA THR A 501 -18.82 -9.98 -6.56
C THR A 501 -18.24 -8.58 -6.42
N GLY A 502 -18.26 -7.82 -7.51
CA GLY A 502 -17.72 -6.48 -7.53
C GLY A 502 -16.28 -6.40 -7.99
N THR A 503 -15.57 -7.53 -8.03
CA THR A 503 -14.19 -7.59 -8.49
C THR A 503 -14.05 -8.39 -9.77
N LEU A 504 -14.51 -9.64 -9.78
CA LEU A 504 -14.56 -10.45 -10.98
C LEU A 504 -15.96 -10.51 -11.58
N THR A 505 -16.88 -9.68 -11.09
CA THR A 505 -18.26 -9.69 -11.53
C THR A 505 -18.77 -8.26 -11.61
N GLY A 506 -19.36 -7.91 -12.76
CA GLY A 506 -19.85 -6.56 -12.97
C GLY A 506 -21.06 -6.24 -12.11
N GLU A 507 -21.35 -4.94 -12.02
CA GLU A 507 -22.42 -4.43 -11.18
C GLU A 507 -23.75 -4.29 -11.91
N ASP A 508 -23.82 -4.70 -13.17
CA ASP A 508 -25.06 -4.61 -13.94
C ASP A 508 -25.81 -5.94 -13.88
N LEU A 509 -26.26 -6.28 -12.67
CA LEU A 509 -26.96 -7.55 -12.44
C LEU A 509 -28.33 -7.53 -13.08
N VAL A 510 -28.70 -8.67 -13.66
CA VAL A 510 -30.01 -8.86 -14.28
C VAL A 510 -30.76 -9.95 -13.53
N VAL A 511 -31.99 -9.65 -13.16
CA VAL A 511 -32.81 -10.57 -12.38
C VAL A 511 -33.30 -11.69 -13.30
N GLU A 512 -32.85 -12.92 -13.03
CA GLU A 512 -33.37 -14.06 -13.78
C GLU A 512 -34.81 -14.36 -13.38
N GLY A 513 -35.13 -14.22 -12.11
CA GLY A 513 -36.53 -14.29 -11.72
C GLY A 513 -36.71 -14.88 -10.33
N ILE A 514 -37.86 -15.52 -10.16
CA ILE A 514 -38.28 -16.10 -8.88
C ILE A 514 -38.42 -17.60 -9.05
N ALA A 515 -37.79 -18.36 -8.16
CA ALA A 515 -37.73 -19.81 -8.24
C ALA A 515 -38.26 -20.44 -6.97
N GLY A 516 -38.67 -21.69 -7.09
CA GLY A 516 -39.17 -22.46 -5.95
C GLY A 516 -40.47 -21.96 -5.37
N LEU A 517 -41.40 -21.51 -6.23
CA LEU A 517 -42.70 -21.08 -5.72
C LEU A 517 -43.57 -22.27 -5.32
N GLY A 518 -43.35 -23.43 -5.92
CA GLY A 518 -44.08 -24.64 -5.61
C GLY A 518 -43.46 -25.49 -4.52
N LEU A 519 -42.51 -24.95 -3.76
CA LEU A 519 -41.86 -25.70 -2.68
C LEU A 519 -42.82 -25.86 -1.51
N GLY A 520 -43.23 -27.10 -1.25
CA GLY A 520 -44.19 -27.37 -0.21
C GLY A 520 -45.64 -27.18 -0.59
N HIS A 521 -45.92 -26.81 -1.85
CA HIS A 521 -47.29 -26.59 -2.29
C HIS A 521 -47.73 -27.68 -3.27
N THR A 526 -45.27 -29.37 -12.00
CA THR A 526 -43.99 -28.74 -11.68
C THR A 526 -42.84 -29.66 -12.11
N PRO A 527 -41.91 -29.13 -12.90
CA PRO A 527 -40.76 -29.94 -13.36
C PRO A 527 -39.78 -30.19 -12.23
N LYS A 528 -39.62 -31.46 -11.87
CA LYS A 528 -38.67 -31.89 -10.85
C LYS A 528 -37.65 -32.83 -11.46
N GLU A 529 -36.43 -32.76 -10.94
CA GLU A 529 -35.32 -33.56 -11.44
C GLU A 529 -35.18 -34.85 -10.64
N ALA A 530 -34.06 -35.55 -10.85
CA ALA A 530 -33.81 -36.81 -10.13
C ALA A 530 -33.55 -36.57 -8.66
N ASP A 531 -32.86 -35.48 -8.32
CA ASP A 531 -32.65 -35.11 -6.94
C ASP A 531 -33.82 -34.34 -6.34
N GLY A 532 -34.85 -34.04 -7.14
CA GLY A 532 -36.03 -33.37 -6.66
C GLY A 532 -36.06 -31.87 -6.85
N ALA A 533 -35.09 -31.30 -7.58
CA ALA A 533 -35.00 -29.86 -7.71
C ALA A 533 -36.09 -29.33 -8.64
N HIS A 534 -36.86 -28.36 -8.15
CA HIS A 534 -37.89 -27.72 -8.94
C HIS A 534 -37.25 -26.67 -9.85
N THR A 535 -37.35 -26.88 -11.16
CA THR A 535 -36.70 -26.03 -12.14
C THR A 535 -37.63 -24.94 -12.69
N ARG A 536 -38.85 -24.82 -12.17
CA ARG A 536 -39.79 -23.82 -12.66
C ARG A 536 -39.39 -22.46 -12.14
N MET A 537 -38.97 -21.58 -13.04
CA MET A 537 -38.55 -20.22 -12.70
C MET A 537 -39.57 -19.25 -13.28
N VAL A 538 -40.46 -18.76 -12.43
CA VAL A 538 -41.46 -17.79 -12.87
C VAL A 538 -40.84 -16.40 -12.90
N SER A 539 -41.44 -15.51 -13.68
CA SER A 539 -40.94 -14.15 -13.76
C SER A 539 -41.38 -13.36 -12.54
N VAL A 540 -40.75 -12.18 -12.36
CA VAL A 540 -41.05 -11.34 -11.21
C VAL A 540 -42.45 -10.75 -11.31
N HIS A 541 -42.89 -10.42 -12.52
CA HIS A 541 -44.23 -9.84 -12.71
C HIS A 541 -45.33 -10.86 -12.45
N ASP A 542 -45.09 -12.13 -12.75
CA ASP A 542 -46.07 -13.18 -12.53
C ASP A 542 -45.89 -13.90 -11.20
N ALA A 543 -45.08 -13.34 -10.29
CA ALA A 543 -44.84 -13.96 -9.00
C ALA A 543 -46.04 -13.77 -8.08
N GLY A 544 -45.96 -14.38 -6.89
CA GLY A 544 -47.03 -14.29 -5.93
C GLY A 544 -47.07 -12.94 -5.23
N MET A 545 -48.09 -12.77 -4.40
CA MET A 545 -48.27 -11.52 -3.67
C MET A 545 -47.21 -11.35 -2.58
N GLU A 546 -46.91 -12.43 -1.85
CA GLU A 546 -45.96 -12.34 -0.75
C GLU A 546 -44.54 -12.16 -1.27
N THR A 547 -44.20 -12.79 -2.40
CA THR A 547 -42.89 -12.60 -3.01
C THR A 547 -42.71 -11.16 -3.48
N THR A 548 -43.76 -10.59 -4.09
CA THR A 548 -43.72 -9.20 -4.53
C THR A 548 -43.60 -8.25 -3.35
N LEU A 549 -44.29 -8.55 -2.24
CA LEU A 549 -44.22 -7.69 -1.07
C LEU A 549 -42.87 -7.79 -0.37
N VAL A 550 -42.24 -8.97 -0.38
CA VAL A 550 -40.89 -9.10 0.19
C VAL A 550 -39.88 -8.36 -0.67
N LEU A 551 -40.00 -8.48 -2.01
CA LEU A 551 -39.10 -7.76 -2.90
C LEU A 551 -39.31 -6.24 -2.83
N ALA A 552 -40.52 -5.80 -2.52
CA ALA A 552 -40.77 -4.38 -2.31
C ALA A 552 -40.42 -3.91 -0.91
N THR A 553 -40.26 -4.82 0.05
CA THR A 553 -40.02 -4.47 1.44
C THR A 553 -38.56 -4.61 1.85
N ALA A 554 -37.94 -5.77 1.58
CA ALA A 554 -36.60 -6.07 2.07
C ALA A 554 -35.57 -5.48 1.12
N HIS A 555 -35.34 -4.18 1.26
CA HIS A 555 -34.27 -3.49 0.54
C HIS A 555 -33.85 -2.25 1.31
N ALA A 556 -32.70 -1.71 0.93
CA ALA A 556 -32.19 -0.47 1.50
C ALA A 556 -32.20 0.65 0.46
N LEU A 557 -33.25 0.70 -0.35
CA LEU A 557 -33.35 1.65 -1.44
C LEU A 557 -33.94 2.97 -0.95
N VAL A 558 -33.38 4.07 -1.45
CA VAL A 558 -33.78 5.41 -1.03
C VAL A 558 -33.81 6.31 -2.27
N LYS A 559 -34.83 7.15 -2.36
CA LYS A 559 -34.93 8.13 -3.42
C LYS A 559 -34.37 9.47 -2.93
N LEU A 560 -33.45 10.04 -3.70
CA LEU A 560 -32.85 11.31 -3.34
C LEU A 560 -33.83 12.46 -3.58
N ASP A 561 -33.45 13.64 -3.10
CA ASP A 561 -34.30 14.82 -3.27
C ASP A 561 -34.35 15.28 -4.71
N GLU A 562 -33.32 14.97 -5.51
CA GLU A 562 -33.37 15.26 -6.94
C GLU A 562 -34.35 14.33 -7.65
N GLY A 563 -34.40 13.07 -7.22
CA GLY A 563 -35.33 12.12 -7.81
C GLY A 563 -34.66 10.91 -8.45
N GLU A 564 -33.50 10.52 -7.94
CA GLU A 564 -32.76 9.37 -8.45
C GLU A 564 -32.73 8.28 -7.40
N ILE A 565 -33.04 7.05 -7.82
CA ILE A 565 -33.03 5.91 -6.91
C ILE A 565 -31.60 5.40 -6.78
N VAL A 566 -31.12 5.33 -5.55
CA VAL A 566 -29.76 4.90 -5.26
C VAL A 566 -29.80 3.80 -4.21
N GLY A 567 -28.81 2.92 -4.25
CA GLY A 567 -28.75 1.80 -3.33
C GLY A 567 -27.88 0.69 -3.89
N ASP A 568 -28.17 -0.53 -3.43
CA ASP A 568 -27.49 -1.71 -3.94
C ASP A 568 -27.86 -1.94 -5.39
N PRO A 569 -26.90 -2.31 -6.25
CA PRO A 569 -27.25 -2.67 -7.63
C PRO A 569 -28.18 -3.88 -7.74
N MET A 570 -28.08 -4.83 -6.82
CA MET A 570 -29.02 -5.95 -6.78
C MET A 570 -30.42 -5.47 -6.41
N GLU A 571 -30.52 -4.57 -5.44
CA GLU A 571 -31.82 -4.03 -5.04
C GLU A 571 -32.41 -3.12 -6.12
N LYS A 572 -31.56 -2.36 -6.81
CA LYS A 572 -32.02 -1.56 -7.94
C LYS A 572 -32.48 -2.44 -9.10
N ALA A 573 -31.78 -3.56 -9.32
CA ALA A 573 -32.18 -4.49 -10.37
C ALA A 573 -33.51 -5.16 -10.06
N THR A 574 -33.72 -5.57 -8.81
CA THR A 574 -35.01 -6.19 -8.47
C THR A 574 -36.12 -5.15 -8.35
N LEU A 575 -35.79 -3.87 -8.12
CA LEU A 575 -36.80 -2.83 -8.21
C LEU A 575 -37.24 -2.61 -9.65
N ASN A 576 -36.27 -2.57 -10.57
CA ASN A 576 -36.61 -2.41 -11.98
C ASN A 576 -37.33 -3.64 -12.54
N ALA A 577 -37.02 -4.82 -12.02
CA ALA A 577 -37.76 -6.01 -12.40
C ALA A 577 -39.14 -6.06 -11.74
N LEU A 578 -39.29 -5.42 -10.58
CA LEU A 578 -40.57 -5.42 -9.88
C LEU A 578 -41.59 -4.53 -10.58
N GLY A 579 -41.17 -3.38 -11.09
CA GLY A 579 -42.09 -2.45 -11.71
C GLY A 579 -42.83 -1.56 -10.74
N TRP A 580 -42.28 -1.35 -9.55
CA TRP A 580 -42.91 -0.52 -8.52
C TRP A 580 -42.14 0.79 -8.43
N VAL A 581 -42.87 1.91 -8.40
CA VAL A 581 -42.25 3.20 -8.21
C VAL A 581 -42.01 3.43 -6.72
N LEU A 582 -41.07 4.32 -6.41
CA LEU A 582 -40.65 4.57 -5.04
C LEU A 582 -41.02 6.00 -4.66
N GLY A 583 -41.70 6.16 -3.53
CA GLY A 583 -42.18 7.45 -3.10
C GLY A 583 -41.14 8.26 -2.35
N LYS A 584 -41.62 9.22 -1.57
CA LYS A 584 -40.74 10.13 -0.85
C LYS A 584 -40.45 9.66 0.57
N ASN A 585 -41.49 9.34 1.34
CA ASN A 585 -41.33 8.95 2.74
C ASN A 585 -41.18 7.45 2.90
N ASP A 586 -40.20 6.88 2.18
CA ASP A 586 -39.85 5.46 2.21
C ASP A 586 -41.03 4.56 1.88
N THR A 587 -41.83 4.96 0.89
CA THR A 587 -42.99 4.21 0.46
C THR A 587 -42.81 3.78 -0.99
N LEU A 588 -43.43 2.64 -1.33
CA LEU A 588 -43.39 2.09 -2.67
C LEU A 588 -44.80 1.74 -3.10
N THR A 589 -45.21 2.23 -4.27
CA THR A 589 -46.55 2.02 -4.77
C THR A 589 -46.48 1.44 -6.16
N SER A 590 -47.55 0.73 -6.54
CA SER A 590 -47.72 0.21 -7.89
C SER A 590 -49.06 0.68 -8.43
N LYS A 591 -49.03 1.38 -9.55
CA LYS A 591 -50.24 1.92 -10.15
C LYS A 591 -50.77 0.94 -11.19
N PRO A 592 -52.10 0.91 -11.43
CA PRO A 592 -52.65 0.05 -12.48
C PRO A 592 -52.34 0.55 -13.89
N SER A 598 -46.39 -5.56 -11.09
CA SER A 598 -47.70 -5.21 -11.65
C SER A 598 -48.69 -6.34 -11.45
N GLY A 599 -48.21 -7.47 -10.91
CA GLY A 599 -49.10 -8.58 -10.61
C GLY A 599 -50.08 -8.27 -9.50
N ILE A 600 -49.64 -7.50 -8.51
CA ILE A 600 -50.50 -7.03 -7.42
C ILE A 600 -50.47 -5.51 -7.42
N LEU A 601 -51.49 -4.90 -6.82
CA LEU A 601 -51.56 -3.45 -6.71
C LEU A 601 -51.69 -3.06 -5.24
N GLY A 602 -50.95 -2.05 -4.82
CA GLY A 602 -51.07 -1.58 -3.46
C GLY A 602 -49.88 -0.73 -3.06
N THR A 603 -49.90 -0.33 -1.79
CA THR A 603 -48.87 0.52 -1.20
C THR A 603 -48.17 -0.21 -0.07
N VAL A 604 -46.85 -0.12 -0.06
CA VAL A 604 -46.04 -0.60 1.06
C VAL A 604 -45.26 0.58 1.60
N GLN A 605 -45.07 0.60 2.93
CA GLN A 605 -44.33 1.68 3.58
C GLN A 605 -43.46 1.08 4.68
N ILE A 606 -42.15 1.18 4.52
CA ILE A 606 -41.21 0.56 5.46
C ILE A 606 -41.09 1.43 6.70
N LYS A 607 -41.45 0.88 7.85
CA LYS A 607 -41.39 1.62 9.11
C LYS A 607 -40.01 1.47 9.76
N ARG A 608 -39.60 0.24 10.04
CA ARG A 608 -38.27 -0.04 10.56
C ARG A 608 -37.51 -0.90 9.56
N ARG A 609 -36.20 -0.68 9.48
CA ARG A 609 -35.37 -1.37 8.51
C ARG A 609 -34.12 -1.87 9.21
N PHE A 610 -34.00 -3.19 9.35
CA PHE A 610 -32.79 -3.80 9.89
C PHE A 610 -31.76 -3.92 8.78
N GLN A 611 -30.60 -3.29 8.97
CA GLN A 611 -29.61 -3.19 7.90
C GLN A 611 -28.91 -4.52 7.66
N PHE A 612 -28.39 -4.67 6.44
CA PHE A 612 -27.69 -5.88 6.05
C PHE A 612 -26.28 -5.87 6.62
N SER A 613 -25.86 -7.02 7.14
CA SER A 613 -24.50 -7.22 7.62
C SER A 613 -23.91 -8.45 6.95
N SER A 614 -22.61 -8.38 6.63
CA SER A 614 -21.95 -9.48 5.93
C SER A 614 -21.81 -10.71 6.83
N ALA A 615 -21.68 -10.51 8.14
CA ALA A 615 -21.61 -11.64 9.05
C ALA A 615 -22.97 -12.31 9.25
N LEU A 616 -24.06 -11.55 9.13
CA LEU A 616 -25.39 -12.10 9.32
C LEU A 616 -25.96 -12.70 8.04
N LYS A 617 -25.52 -12.19 6.88
CA LYS A 617 -25.91 -12.67 5.54
C LYS A 617 -27.43 -12.57 5.32
N ARG A 618 -28.05 -11.53 5.86
CA ARG A 618 -29.49 -11.34 5.71
C ARG A 618 -29.83 -9.87 5.88
N GLN A 619 -31.06 -9.53 5.52
CA GLN A 619 -31.57 -8.18 5.66
C GLN A 619 -33.08 -8.26 5.77
N SER A 620 -33.64 -7.72 6.85
CA SER A 620 -35.06 -7.76 7.10
C SER A 620 -35.61 -6.34 7.20
N SER A 621 -36.91 -6.22 6.98
CA SER A 621 -37.57 -4.93 7.06
C SER A 621 -39.02 -5.13 7.50
N VAL A 622 -39.46 -4.27 8.41
CA VAL A 622 -40.84 -4.24 8.87
C VAL A 622 -41.54 -3.11 8.13
N ALA A 623 -42.73 -3.40 7.60
CA ALA A 623 -43.45 -2.46 6.76
C ALA A 623 -44.94 -2.59 7.00
N THR A 624 -45.68 -1.63 6.46
CA THR A 624 -47.13 -1.65 6.43
C THR A 624 -47.57 -1.84 4.99
N ILE A 625 -48.43 -2.84 4.76
CA ILE A 625 -48.86 -3.21 3.42
C ILE A 625 -50.36 -2.97 3.30
N THR A 626 -50.77 -2.57 2.09
CA THR A 626 -52.14 -2.64 1.59
C THR A 626 -51.97 -3.14 0.15
N ALA A 627 -52.09 -4.45 -0.04
CA ALA A 627 -51.81 -5.07 -1.33
C ALA A 627 -52.92 -6.04 -1.71
N THR A 628 -53.43 -5.90 -2.94
CA THR A 628 -54.48 -6.75 -3.48
C THR A 628 -53.98 -7.44 -4.74
N GLU A 629 -54.29 -8.72 -4.87
CA GLU A 629 -54.00 -9.46 -6.09
C GLU A 629 -55.08 -9.14 -7.14
N VAL A 630 -54.65 -8.94 -8.38
CA VAL A 630 -55.57 -8.45 -9.40
C VAL A 630 -56.45 -9.55 -9.99
N LYS A 631 -56.11 -10.82 -9.77
CA LYS A 631 -56.84 -11.91 -10.40
C LYS A 631 -57.77 -12.66 -9.45
N THR A 632 -57.54 -12.57 -8.15
CA THR A 632 -58.34 -13.29 -7.18
C THR A 632 -58.90 -12.39 -6.09
N GLY A 633 -58.16 -11.35 -5.70
CA GLY A 633 -58.53 -10.54 -4.55
C GLY A 633 -57.49 -10.68 -3.46
N ARG A 634 -57.87 -11.33 -2.36
CA ARG A 634 -56.98 -11.72 -1.25
C ARG A 634 -56.28 -10.51 -0.65
N LYS A 635 -57.10 -9.66 -0.01
CA LYS A 635 -56.64 -8.39 0.54
C LYS A 635 -55.65 -8.60 1.68
N LEU A 636 -54.39 -8.25 1.43
CA LEU A 636 -53.33 -8.36 2.42
C LEU A 636 -53.06 -6.98 3.00
N ARG A 637 -53.43 -6.77 4.25
CA ARG A 637 -53.26 -5.50 4.93
C ARG A 637 -52.37 -5.69 6.16
N GLY A 638 -51.92 -4.56 6.70
CA GLY A 638 -51.33 -4.55 8.02
C GLY A 638 -49.81 -4.64 8.02
N SER A 639 -49.27 -5.02 9.17
CA SER A 639 -47.82 -5.10 9.31
C SER A 639 -47.28 -6.32 8.59
N PHE A 640 -45.98 -6.26 8.28
CA PHE A 640 -45.34 -7.26 7.44
C PHE A 640 -43.85 -7.26 7.75
N VAL A 641 -43.24 -8.43 7.74
CA VAL A 641 -41.79 -8.57 7.89
C VAL A 641 -41.30 -9.31 6.65
N GLY A 642 -40.50 -8.63 5.85
CA GLY A 642 -39.89 -9.23 4.67
C GLY A 642 -38.38 -9.31 4.85
N VAL A 643 -37.83 -10.50 4.66
CA VAL A 643 -36.41 -10.74 4.88
C VAL A 643 -35.84 -11.48 3.68
N LYS A 644 -34.71 -10.99 3.17
CA LYS A 644 -33.99 -11.68 2.11
C LYS A 644 -32.54 -11.87 2.54
N GLY A 645 -31.96 -12.98 2.10
CA GLY A 645 -30.59 -13.26 2.50
C GLY A 645 -30.05 -14.54 1.90
N ALA A 646 -28.98 -15.03 2.51
CA ALA A 646 -28.42 -16.31 2.11
C ALA A 646 -29.40 -17.43 2.46
N PRO A 647 -29.61 -18.40 1.57
CA PRO A 647 -30.65 -19.42 1.81
C PRO A 647 -30.37 -20.35 2.98
N GLU A 648 -29.11 -20.51 3.39
CA GLU A 648 -28.82 -21.35 4.56
C GLU A 648 -29.30 -20.69 5.85
N THR A 649 -29.09 -19.37 5.98
CA THR A 649 -29.58 -18.65 7.15
C THR A 649 -31.10 -18.64 7.21
N ILE A 650 -31.75 -18.44 6.06
CA ILE A 650 -33.21 -18.43 6.00
C ILE A 650 -33.77 -19.81 6.32
N MET A 651 -33.14 -20.88 5.80
CA MET A 651 -33.56 -22.23 6.15
C MET A 651 -33.26 -22.57 7.61
N LYS A 652 -32.32 -21.86 8.23
CA LYS A 652 -32.15 -21.99 9.68
C LYS A 652 -33.23 -21.26 10.45
N MET A 653 -33.79 -20.17 9.91
CA MET A 653 -34.69 -19.32 10.69
C MET A 653 -36.14 -19.32 10.23
N LEU A 654 -36.58 -20.30 9.45
CA LEU A 654 -38.01 -20.41 9.15
C LEU A 654 -38.62 -21.61 9.88
N VAL A 655 -39.94 -21.72 9.80
CA VAL A 655 -40.68 -22.67 10.64
C VAL A 655 -40.50 -24.10 10.13
N THR A 656 -41.00 -24.38 8.93
CA THR A 656 -41.02 -25.72 8.37
C THR A 656 -40.31 -25.69 7.03
N VAL A 657 -39.14 -26.32 6.97
CA VAL A 657 -38.35 -26.34 5.73
C VAL A 657 -39.08 -27.22 4.71
N PRO A 658 -39.37 -26.72 3.52
CA PRO A 658 -40.08 -27.52 2.52
C PRO A 658 -39.20 -28.63 1.97
N GLU A 659 -39.87 -29.64 1.41
CA GLU A 659 -39.16 -30.76 0.80
C GLU A 659 -38.43 -30.29 -0.45
N HIS A 660 -37.21 -30.83 -0.63
CA HIS A 660 -36.27 -30.44 -1.70
C HIS A 660 -35.98 -28.95 -1.69
N TYR A 661 -35.80 -28.39 -0.48
CA TYR A 661 -35.40 -26.98 -0.39
C TYR A 661 -33.97 -26.79 -0.84
N GLU A 662 -33.06 -27.64 -0.38
CA GLU A 662 -31.65 -27.48 -0.67
C GLU A 662 -31.33 -27.76 -2.13
N GLU A 663 -32.03 -28.72 -2.73
CA GLU A 663 -31.76 -29.12 -4.12
C GLU A 663 -32.17 -28.03 -5.10
N THR A 664 -33.21 -27.25 -4.78
CA THR A 664 -33.64 -26.17 -5.66
C THR A 664 -32.58 -25.09 -5.77
N TYR A 665 -32.10 -24.58 -4.64
CA TYR A 665 -31.09 -23.52 -4.70
C TYR A 665 -29.74 -24.08 -5.12
N LYS A 666 -29.47 -25.37 -4.87
CA LYS A 666 -28.23 -25.95 -5.37
C LYS A 666 -28.27 -26.12 -6.90
N TYR A 667 -29.43 -26.42 -7.47
CA TYR A 667 -29.55 -26.47 -8.92
C TYR A 667 -29.44 -25.07 -9.54
N PHE A 668 -30.11 -24.09 -8.93
CA PHE A 668 -30.05 -22.74 -9.47
C PHE A 668 -28.73 -22.03 -9.17
N THR A 669 -27.90 -22.59 -8.30
CA THR A 669 -26.54 -22.12 -8.09
C THR A 669 -25.51 -22.91 -8.90
N ARG A 670 -25.86 -24.12 -9.34
CA ARG A 670 -24.95 -24.92 -10.16
C ARG A 670 -24.71 -24.31 -11.53
N ARG A 671 -25.66 -23.50 -12.02
CA ARG A 671 -25.50 -22.83 -13.30
C ARG A 671 -24.71 -21.53 -13.20
N GLY A 672 -24.26 -21.17 -12.00
CA GLY A 672 -23.48 -19.96 -11.80
C GLY A 672 -24.28 -18.75 -11.39
N SER A 673 -25.60 -18.83 -11.38
CA SER A 673 -26.41 -17.70 -10.98
C SER A 673 -26.39 -17.54 -9.45
N ARG A 674 -26.57 -16.31 -9.01
CA ARG A 674 -26.56 -15.97 -7.59
C ARG A 674 -28.00 -16.05 -7.06
N VAL A 675 -28.18 -16.85 -6.02
CA VAL A 675 -29.51 -17.15 -5.48
C VAL A 675 -29.61 -16.57 -4.07
N LEU A 676 -30.65 -15.78 -3.83
CA LEU A 676 -31.02 -15.34 -2.50
C LEU A 676 -32.35 -15.99 -2.11
N ALA A 677 -32.64 -15.99 -0.82
CA ALA A 677 -33.90 -16.52 -0.32
C ALA A 677 -34.75 -15.39 0.24
N LEU A 678 -36.05 -15.47 -0.04
CA LEU A 678 -37.03 -14.48 0.36
C LEU A 678 -38.03 -15.15 1.30
N ALA A 679 -38.30 -14.51 2.43
CA ALA A 679 -39.20 -15.04 3.44
C ALA A 679 -40.05 -13.91 4.01
N TYR A 680 -41.26 -14.26 4.47
CA TYR A 680 -42.22 -13.30 4.95
C TYR A 680 -42.82 -13.76 6.27
N LYS A 681 -43.33 -12.79 7.03
CA LYS A 681 -43.99 -13.08 8.30
C LYS A 681 -44.97 -11.97 8.62
N GLN A 682 -46.24 -12.31 8.83
CA GLN A 682 -47.26 -11.33 9.16
C GLN A 682 -47.36 -11.20 10.67
N LEU A 683 -46.94 -10.05 11.20
CA LEU A 683 -46.92 -9.85 12.64
C LEU A 683 -48.32 -9.63 13.22
N THR A 684 -49.15 -8.82 12.55
CA THR A 684 -50.45 -8.48 13.08
C THR A 684 -51.62 -8.90 12.20
N THR A 685 -51.35 -9.41 10.99
CA THR A 685 -52.32 -9.69 9.92
C THR A 685 -53.22 -8.48 9.66
N GLU A 686 -54.53 -8.64 9.81
CA GLU A 686 -55.45 -7.55 9.53
C GLU A 686 -55.37 -6.48 10.62
N GLY A 687 -55.21 -5.23 10.20
CA GLY A 687 -55.12 -4.12 11.12
C GLY A 687 -53.84 -3.32 10.96
N GLU A 688 -53.13 -3.11 12.07
CA GLU A 688 -51.83 -2.44 12.05
C GLU A 688 -51.07 -2.85 13.29
N LEU A 689 -49.74 -2.73 13.23
CA LEU A 689 -48.92 -3.04 14.39
C LEU A 689 -49.09 -1.98 15.48
N GLY A 690 -49.20 -0.72 15.09
CA GLY A 690 -49.50 0.34 16.03
C GLY A 690 -48.30 1.18 16.43
N ALA A 691 -48.17 2.35 15.79
CA ALA A 691 -47.18 3.39 16.09
C ALA A 691 -45.74 2.90 16.02
N ASN A 692 -44.82 3.69 16.58
CA ASN A 692 -43.41 3.32 16.65
C ASN A 692 -43.01 2.82 18.03
N LYS A 693 -43.94 2.78 18.99
CA LYS A 693 -43.61 2.25 20.31
C LYS A 693 -43.50 0.74 20.27
N ILE A 694 -44.40 0.08 19.56
CA ILE A 694 -44.33 -1.36 19.39
C ILE A 694 -43.31 -1.72 18.31
N ASN A 695 -43.13 -0.85 17.31
CA ASN A 695 -42.23 -1.11 16.18
C ASN A 695 -40.76 -1.17 16.57
N ASP A 696 -40.39 -0.73 17.78
CA ASP A 696 -39.03 -0.90 18.28
C ASP A 696 -38.88 -2.31 18.82
N LEU A 697 -38.74 -3.26 17.89
CA LEU A 697 -38.58 -4.67 18.20
C LEU A 697 -37.10 -5.01 18.30
N LYS A 698 -36.79 -6.30 18.33
CA LYS A 698 -35.42 -6.78 18.35
C LYS A 698 -35.12 -7.55 17.07
N ARG A 699 -33.83 -7.64 16.75
CA ARG A 699 -33.40 -8.30 15.52
C ARG A 699 -33.63 -9.81 15.59
N GLU A 700 -33.23 -10.43 16.70
CA GLU A 700 -33.39 -11.87 16.85
C GLU A 700 -34.82 -12.28 17.16
N SER A 701 -35.67 -11.35 17.61
CA SER A 701 -37.05 -11.65 17.91
C SER A 701 -37.97 -11.48 16.70
N VAL A 702 -37.47 -10.96 15.58
CA VAL A 702 -38.27 -10.79 14.39
C VAL A 702 -37.69 -11.52 13.17
N GLU A 703 -36.43 -11.90 13.18
CA GLU A 703 -35.86 -12.73 12.12
C GLU A 703 -35.93 -14.21 12.48
N ALA A 704 -37.13 -14.65 12.87
CA ALA A 704 -37.38 -16.03 13.25
C ALA A 704 -38.86 -16.29 13.11
N ASP A 705 -39.21 -17.59 13.10
CA ASP A 705 -40.58 -18.09 12.91
C ASP A 705 -41.21 -17.56 11.63
N LEU A 706 -40.43 -17.62 10.54
CA LEU A 706 -40.82 -17.08 9.25
C LEU A 706 -41.44 -18.15 8.37
N HIS A 707 -42.18 -17.70 7.37
CA HIS A 707 -42.68 -18.57 6.31
C HIS A 707 -41.65 -18.57 5.17
N PHE A 708 -42.02 -19.08 4.00
CA PHE A 708 -41.14 -19.08 2.84
C PHE A 708 -41.83 -18.38 1.69
N ALA A 709 -41.12 -17.45 1.04
CA ALA A 709 -41.66 -16.73 -0.10
C ALA A 709 -41.07 -17.18 -1.42
N GLY A 710 -39.75 -17.34 -1.53
CA GLY A 710 -39.21 -17.86 -2.77
C GLY A 710 -37.70 -17.71 -2.84
N PHE A 711 -37.17 -17.88 -4.06
CA PHE A 711 -35.75 -17.67 -4.35
C PHE A 711 -35.62 -16.59 -5.39
N LEU A 712 -34.79 -15.58 -5.09
CA LEU A 712 -34.46 -14.54 -6.05
C LEU A 712 -33.20 -14.97 -6.80
N VAL A 713 -33.35 -15.31 -8.08
CA VAL A 713 -32.25 -15.76 -8.91
C VAL A 713 -31.81 -14.61 -9.80
N LEU A 714 -30.52 -14.27 -9.74
CA LEU A 714 -29.93 -13.19 -10.51
C LEU A 714 -28.75 -13.73 -11.30
N GLN A 715 -28.70 -13.43 -12.60
CA GLN A 715 -27.55 -13.82 -13.41
C GLN A 715 -26.53 -12.68 -13.34
N CYS A 716 -25.60 -12.79 -12.41
CA CYS A 716 -24.58 -11.77 -12.24
C CYS A 716 -23.56 -11.86 -13.37
N PRO A 717 -23.37 -10.81 -14.15
CA PRO A 717 -22.52 -10.95 -15.35
C PRO A 717 -21.04 -10.79 -15.02
N LEU A 718 -20.22 -11.56 -15.72
CA LEU A 718 -18.78 -11.50 -15.54
C LEU A 718 -18.21 -10.24 -16.20
N LYS A 719 -17.14 -9.73 -15.62
CA LYS A 719 -16.43 -8.60 -16.22
C LYS A 719 -15.64 -9.07 -17.44
N GLU A 720 -15.45 -8.14 -18.39
CA GLU A 720 -14.81 -8.50 -19.65
C GLU A 720 -13.31 -8.71 -19.47
N ASP A 721 -12.71 -8.05 -18.48
CA ASP A 721 -11.27 -8.16 -18.26
C ASP A 721 -10.89 -9.16 -17.18
N ALA A 722 -11.85 -9.88 -16.61
CA ALA A 722 -11.55 -10.78 -15.50
C ALA A 722 -10.78 -12.01 -15.98
N LYS A 723 -11.25 -12.63 -17.07
CA LYS A 723 -10.62 -13.83 -17.60
C LYS A 723 -9.20 -13.55 -18.10
N GLN A 724 -9.02 -12.43 -18.81
CA GLN A 724 -7.71 -12.09 -19.35
C GLN A 724 -6.72 -11.77 -18.23
N ALA A 725 -7.15 -11.02 -17.21
CA ALA A 725 -6.25 -10.67 -16.11
C ALA A 725 -5.89 -11.90 -15.27
N VAL A 726 -6.85 -12.79 -15.03
CA VAL A 726 -6.57 -13.96 -14.21
C VAL A 726 -5.71 -14.97 -14.98
N ARG A 727 -5.92 -15.11 -16.30
CA ARG A 727 -5.04 -15.96 -17.09
C ARG A 727 -3.65 -15.33 -17.24
N MET A 728 -3.56 -14.00 -17.19
CA MET A 728 -2.27 -13.35 -17.15
C MET A 728 -1.54 -13.57 -15.82
N LEU A 729 -2.26 -13.57 -14.71
CA LEU A 729 -1.67 -13.82 -13.41
C LEU A 729 -1.28 -15.29 -13.20
N ASN A 730 -2.12 -16.21 -13.68
CA ASN A 730 -1.85 -17.63 -13.49
C ASN A 730 -0.66 -18.10 -14.32
N GLU A 731 -0.44 -17.49 -15.49
CA GLU A 731 0.66 -17.83 -16.36
C GLU A 731 1.89 -16.96 -16.11
N SER A 732 2.01 -16.36 -14.94
CA SER A 732 3.14 -15.50 -14.62
C SER A 732 3.61 -15.74 -13.19
N SER A 733 3.62 -17.01 -12.77
CA SER A 733 4.15 -17.48 -11.49
C SER A 733 3.42 -16.87 -10.29
N HIS A 734 2.15 -16.52 -10.45
CA HIS A 734 1.30 -16.13 -9.35
C HIS A 734 0.20 -17.17 -9.18
N ARG A 735 -0.27 -17.34 -7.96
CA ARG A 735 -1.41 -18.19 -7.67
C ARG A 735 -2.62 -17.30 -7.42
N VAL A 736 -3.74 -17.62 -8.07
CA VAL A 736 -4.97 -16.85 -7.94
C VAL A 736 -5.94 -17.69 -7.12
N VAL A 737 -6.31 -17.18 -5.95
CA VAL A 737 -7.36 -17.80 -5.15
C VAL A 737 -8.54 -16.84 -5.09
N MET A 738 -9.70 -17.39 -4.78
CA MET A 738 -10.94 -16.61 -4.74
C MET A 738 -11.53 -16.70 -3.34
N ILE A 739 -11.66 -15.55 -2.69
CA ILE A 739 -12.27 -15.45 -1.37
C ILE A 739 -13.56 -14.65 -1.54
N THR A 740 -14.69 -15.27 -1.22
CA THR A 740 -15.98 -14.63 -1.43
C THR A 740 -17.00 -15.15 -0.43
N GLY A 741 -17.95 -14.29 -0.07
CA GLY A 741 -19.01 -14.68 0.84
C GLY A 741 -20.18 -15.36 0.19
N ASP A 742 -20.11 -15.63 -1.11
CA ASP A 742 -21.23 -16.23 -1.84
C ASP A 742 -21.19 -17.75 -1.68
N ASN A 743 -22.05 -18.42 -2.44
CA ASN A 743 -22.20 -19.86 -2.35
C ASN A 743 -20.98 -20.59 -2.89
N PRO A 744 -20.75 -21.84 -2.47
CA PRO A 744 -19.70 -22.64 -3.11
C PRO A 744 -19.93 -22.90 -4.59
N LEU A 745 -21.17 -23.09 -5.02
CA LEU A 745 -21.40 -23.46 -6.41
C LEU A 745 -21.25 -22.26 -7.35
N THR A 746 -21.71 -21.08 -6.93
CA THR A 746 -21.48 -19.85 -7.72
C THR A 746 -20.00 -19.54 -7.82
N ALA A 747 -19.27 -19.65 -6.70
CA ALA A 747 -17.83 -19.37 -6.71
C ALA A 747 -17.07 -20.39 -7.56
N VAL A 748 -17.48 -21.67 -7.50
CA VAL A 748 -16.85 -22.70 -8.31
C VAL A 748 -17.13 -22.48 -9.80
N HIS A 749 -18.37 -22.12 -10.16
CA HIS A 749 -18.70 -21.91 -11.56
C HIS A 749 -18.02 -20.67 -12.13
N VAL A 750 -17.91 -19.60 -11.32
CA VAL A 750 -17.18 -18.42 -11.76
C VAL A 750 -15.69 -18.75 -11.91
N ALA A 751 -15.11 -19.46 -10.94
CA ALA A 751 -13.70 -19.82 -11.01
C ALA A 751 -13.40 -20.80 -12.14
N LYS A 752 -14.40 -21.57 -12.58
CA LYS A 752 -14.25 -22.37 -13.78
C LYS A 752 -14.35 -21.52 -15.04
N GLU A 753 -15.19 -20.49 -15.03
CA GLU A 753 -15.25 -19.56 -16.16
C GLU A 753 -13.98 -18.72 -16.27
N VAL A 754 -13.41 -18.35 -15.13
CA VAL A 754 -12.31 -17.40 -15.03
C VAL A 754 -11.01 -18.21 -15.05
N GLU A 755 -11.16 -19.54 -15.05
CA GLU A 755 -10.07 -20.53 -15.09
C GLU A 755 -9.14 -20.39 -13.90
N ILE A 756 -9.72 -20.35 -12.70
CA ILE A 756 -8.96 -20.55 -11.47
C ILE A 756 -8.89 -22.04 -11.12
N VAL A 757 -10.02 -22.73 -11.23
CA VAL A 757 -10.11 -24.16 -10.99
C VAL A 757 -10.10 -24.87 -12.33
N ASP A 758 -9.18 -25.80 -12.52
CA ASP A 758 -9.05 -26.56 -13.76
C ASP A 758 -9.48 -28.02 -13.62
N ARG A 759 -9.16 -28.66 -12.51
CA ARG A 759 -9.46 -30.07 -12.30
C ARG A 759 -10.89 -30.23 -11.78
N ASP A 760 -11.24 -31.45 -11.38
CA ASP A 760 -12.48 -31.67 -10.67
C ASP A 760 -12.38 -31.08 -9.26
N VAL A 761 -13.44 -30.39 -8.84
CA VAL A 761 -13.41 -29.63 -7.60
C VAL A 761 -14.20 -30.38 -6.55
N LEU A 762 -13.87 -30.13 -5.28
CA LEU A 762 -14.57 -30.72 -4.15
C LEU A 762 -14.83 -29.63 -3.13
N ILE A 763 -16.04 -29.63 -2.56
CA ILE A 763 -16.50 -28.60 -1.64
C ILE A 763 -16.54 -29.21 -0.25
N LEU A 764 -15.83 -28.58 0.69
CA LEU A 764 -15.83 -29.01 2.09
C LEU A 764 -16.92 -28.22 2.81
N ASP A 765 -18.02 -28.88 3.13
CA ASP A 765 -19.16 -28.18 3.71
C ASP A 765 -19.99 -29.15 4.54
N ALA A 766 -20.94 -28.61 5.28
CA ALA A 766 -21.90 -29.44 6.00
C ALA A 766 -22.82 -30.14 4.99
N PRO A 767 -23.23 -31.39 5.26
CA PRO A 767 -24.12 -32.08 4.31
C PRO A 767 -25.50 -31.48 4.24
N GLU A 768 -26.01 -30.95 5.34
CA GLU A 768 -27.24 -30.17 5.37
C GLU A 768 -27.00 -28.93 6.22
N HIS A 769 -27.53 -27.80 5.76
CA HIS A 769 -27.29 -26.52 6.43
C HIS A 769 -28.37 -26.17 7.44
N SER A 770 -29.02 -27.17 8.03
CA SER A 770 -30.00 -26.93 9.09
C SER A 770 -29.26 -26.83 10.42
N VAL A 771 -30.01 -26.72 11.52
CA VAL A 771 -29.40 -26.59 12.84
C VAL A 771 -28.89 -27.94 13.34
N TYR A 772 -29.39 -29.06 12.80
CA TYR A 772 -28.92 -30.38 13.20
C TYR A 772 -27.88 -30.93 12.22
N GLY A 773 -28.06 -30.66 10.93
CA GLY A 773 -27.13 -31.17 9.93
C GLY A 773 -25.77 -30.51 9.93
N GLU A 774 -25.66 -29.34 10.56
CA GLU A 774 -24.37 -28.64 10.65
C GLU A 774 -23.59 -29.16 11.86
N GLU A 775 -23.16 -30.42 11.73
CA GLU A 775 -22.36 -31.06 12.76
C GLU A 775 -21.18 -31.85 12.22
N SER A 776 -21.09 -32.06 10.90
CA SER A 776 -20.01 -32.81 10.30
C SER A 776 -19.61 -32.15 9.00
N LEU A 777 -18.39 -32.46 8.54
CA LEU A 777 -17.85 -31.91 7.32
C LEU A 777 -17.76 -33.00 6.25
N VAL A 778 -18.11 -32.63 5.02
CA VAL A 778 -18.20 -33.55 3.88
C VAL A 778 -17.49 -32.91 2.70
N TRP A 779 -16.65 -33.69 2.02
CA TRP A 779 -16.25 -33.39 0.65
C TRP A 779 -17.39 -33.78 -0.28
N ARG A 780 -17.86 -32.82 -1.07
CA ARG A 780 -18.98 -33.04 -1.97
C ARG A 780 -18.62 -32.57 -3.37
N SER A 781 -19.16 -33.26 -4.38
CA SER A 781 -18.99 -32.84 -5.75
C SER A 781 -20.03 -31.79 -6.11
N VAL A 782 -19.78 -31.09 -7.22
CA VAL A 782 -20.72 -30.08 -7.68
C VAL A 782 -22.02 -30.71 -8.18
N ASP A 783 -21.93 -31.87 -8.82
CA ASP A 783 -23.11 -32.59 -9.27
C ASP A 783 -23.69 -33.50 -8.19
N ASP A 784 -23.16 -33.42 -6.98
CA ASP A 784 -23.66 -34.11 -5.78
C ASP A 784 -23.65 -35.63 -5.96
N LYS A 785 -22.53 -36.15 -6.44
CA LYS A 785 -22.34 -37.57 -6.62
C LYS A 785 -21.31 -38.18 -5.68
N ILE A 786 -20.26 -37.44 -5.33
CA ILE A 786 -19.24 -37.89 -4.40
C ILE A 786 -19.56 -37.30 -3.03
N ARG A 787 -19.55 -38.13 -2.00
CA ARG A 787 -19.86 -37.70 -0.64
C ARG A 787 -18.89 -38.40 0.30
N ILE A 788 -17.92 -37.66 0.83
CA ILE A 788 -16.88 -38.21 1.69
C ILE A 788 -16.94 -37.55 3.05
N ASP A 789 -17.17 -38.33 4.10
CA ASP A 789 -17.18 -37.81 5.45
C ASP A 789 -15.77 -37.49 5.92
N VAL A 790 -15.63 -36.41 6.71
CA VAL A 790 -14.34 -35.93 7.18
C VAL A 790 -14.47 -35.60 8.67
N ASP A 791 -13.60 -36.19 9.48
CA ASP A 791 -13.39 -35.68 10.83
C ASP A 791 -12.38 -34.53 10.77
N PRO A 792 -12.71 -33.36 11.33
CA PRO A 792 -11.79 -32.21 11.23
C PRO A 792 -10.49 -32.39 11.99
N THR A 793 -10.43 -33.27 12.99
CA THR A 793 -9.18 -33.48 13.71
C THR A 793 -8.18 -34.27 12.90
N LYS A 794 -8.65 -35.20 12.07
CA LYS A 794 -7.75 -36.02 11.27
C LYS A 794 -7.18 -35.22 10.11
N PRO A 795 -5.97 -35.56 9.65
CA PRO A 795 -5.42 -34.88 8.47
C PRO A 795 -6.19 -35.23 7.21
N ILE A 796 -6.10 -34.32 6.23
CA ILE A 796 -6.80 -34.49 4.97
C ILE A 796 -6.11 -35.60 4.17
N ASP A 797 -6.92 -36.36 3.42
CA ASP A 797 -6.39 -37.41 2.56
C ASP A 797 -5.51 -36.82 1.46
N PRO A 798 -4.28 -37.33 1.27
CA PRO A 798 -3.39 -36.73 0.27
C PRO A 798 -3.82 -36.97 -1.17
N GLU A 799 -4.66 -37.98 -1.42
CA GLU A 799 -5.21 -38.18 -2.77
C GLU A 799 -6.15 -37.03 -3.15
N ILE A 800 -6.96 -36.56 -2.18
CA ILE A 800 -7.86 -35.45 -2.41
C ILE A 800 -7.07 -34.16 -2.60
N LEU A 801 -5.98 -33.98 -1.84
CA LEU A 801 -5.14 -32.80 -1.98
C LEU A 801 -4.38 -32.80 -3.30
N LYS A 802 -4.00 -33.99 -3.80
CA LYS A 802 -3.15 -34.09 -4.97
C LYS A 802 -3.93 -34.09 -6.28
N THR A 803 -5.01 -34.87 -6.37
CA THR A 803 -5.69 -35.08 -7.64
C THR A 803 -6.95 -34.23 -7.82
N LYS A 804 -7.36 -33.46 -6.82
CA LYS A 804 -8.58 -32.66 -6.92
C LYS A 804 -8.31 -31.23 -6.47
N ASP A 805 -8.92 -30.28 -7.18
CA ASP A 805 -9.00 -28.91 -6.67
C ASP A 805 -10.02 -28.86 -5.54
N LEU A 806 -9.88 -27.88 -4.66
CA LEU A 806 -10.70 -27.83 -3.45
C LEU A 806 -11.37 -26.48 -3.30
N CYS A 807 -12.62 -26.51 -2.83
CA CYS A 807 -13.34 -25.35 -2.35
C CYS A 807 -13.66 -25.56 -0.88
N VAL A 808 -13.41 -24.55 -0.06
CA VAL A 808 -13.62 -24.67 1.38
C VAL A 808 -14.64 -23.62 1.82
N THR A 809 -15.69 -24.08 2.48
CA THR A 809 -16.70 -23.21 3.04
C THR A 809 -16.18 -22.62 4.35
N GLY A 810 -16.62 -21.40 4.66
CA GLY A 810 -16.22 -20.72 5.88
C GLY A 810 -16.65 -21.43 7.16
N TYR A 811 -17.72 -22.21 7.11
CA TYR A 811 -18.09 -23.07 8.23
C TYR A 811 -17.05 -24.17 8.44
N ALA A 812 -16.64 -24.82 7.35
CA ALA A 812 -15.61 -25.85 7.46
C ALA A 812 -14.25 -25.26 7.78
N LEU A 813 -14.00 -24.02 7.36
CA LEU A 813 -12.79 -23.31 7.78
C LEU A 813 -12.83 -23.02 9.28
N ASN A 814 -14.00 -22.65 9.80
CA ASN A 814 -14.13 -22.39 11.24
C ASN A 814 -14.01 -23.66 12.05
N LYS A 815 -14.42 -24.80 11.49
CA LYS A 815 -14.18 -26.08 12.16
C LYS A 815 -12.72 -26.51 12.05
N PHE A 816 -11.95 -25.94 11.12
CA PHE A 816 -10.54 -26.24 10.95
C PHE A 816 -9.64 -25.18 11.56
N LYS A 817 -10.08 -24.54 12.64
CA LYS A 817 -9.37 -23.36 13.15
C LYS A 817 -8.06 -23.73 13.83
N GLY A 818 -8.06 -24.75 14.67
CA GLY A 818 -6.87 -25.11 15.42
C GLY A 818 -6.42 -26.53 15.25
N GLN A 819 -6.50 -27.05 14.03
CA GLN A 819 -6.17 -28.45 13.76
C GLN A 819 -4.94 -28.53 12.86
N VAL A 820 -4.46 -29.78 12.69
CA VAL A 820 -3.23 -30.02 11.95
C VAL A 820 -3.44 -29.79 10.45
N GLY A 821 -4.62 -30.10 9.92
CA GLY A 821 -4.85 -30.04 8.49
C GLY A 821 -5.03 -28.66 7.90
N TRP A 822 -5.15 -27.62 8.75
CA TRP A 822 -5.40 -26.27 8.27
C TRP A 822 -4.26 -25.75 7.41
N LYS A 823 -3.01 -26.01 7.81
CA LYS A 823 -1.86 -25.65 7.00
C LYS A 823 -1.80 -26.44 5.70
N SER A 824 -2.47 -27.60 5.63
CA SER A 824 -2.65 -28.25 4.35
C SER A 824 -3.67 -27.51 3.50
N LEU A 825 -4.79 -27.08 4.13
CA LEU A 825 -5.91 -26.50 3.40
C LEU A 825 -5.52 -25.20 2.70
N LEU A 826 -4.86 -24.30 3.42
CA LEU A 826 -4.38 -23.05 2.83
C LEU A 826 -3.26 -23.27 1.83
N ARG A 827 -2.67 -24.46 1.76
CA ARG A 827 -1.72 -24.77 0.70
C ARG A 827 -2.38 -25.39 -0.53
N TYR A 828 -3.63 -25.83 -0.42
CA TYR A 828 -4.24 -26.60 -1.50
C TYR A 828 -5.65 -26.15 -1.86
N THR A 829 -6.08 -24.98 -1.40
CA THR A 829 -7.41 -24.47 -1.73
C THR A 829 -7.28 -23.18 -2.51
N TRP A 830 -8.02 -23.08 -3.61
CA TRP A 830 -8.02 -21.89 -4.44
C TRP A 830 -9.39 -21.25 -4.58
N VAL A 831 -10.41 -21.77 -3.91
CA VAL A 831 -11.71 -21.12 -3.82
C VAL A 831 -12.14 -21.16 -2.36
N TYR A 832 -12.38 -19.99 -1.77
CA TYR A 832 -12.95 -19.88 -0.43
C TYR A 832 -14.33 -19.27 -0.56
N ALA A 833 -15.34 -19.96 -0.01
CA ALA A 833 -16.72 -19.55 -0.17
C ALA A 833 -17.39 -19.43 1.18
N ARG A 834 -18.43 -18.59 1.22
CA ARG A 834 -19.30 -18.36 2.39
C ARG A 834 -18.49 -17.89 3.61
N VAL A 835 -17.46 -17.10 3.37
CA VAL A 835 -16.58 -16.66 4.44
C VAL A 835 -17.03 -15.31 4.96
N SER A 836 -16.98 -15.16 6.29
CA SER A 836 -17.20 -13.88 6.92
C SER A 836 -16.00 -12.97 6.66
N PRO A 837 -16.16 -11.64 6.82
CA PRO A 837 -14.98 -10.75 6.73
C PRO A 837 -13.87 -11.09 7.71
N LYS A 838 -14.21 -11.52 8.93
CA LYS A 838 -13.18 -12.01 9.85
C LYS A 838 -12.57 -13.32 9.35
N GLN A 839 -13.35 -14.13 8.63
CA GLN A 839 -12.78 -15.35 8.05
C GLN A 839 -11.86 -15.03 6.87
N LYS A 840 -12.16 -13.97 6.10
CA LYS A 840 -11.23 -13.51 5.07
C LYS A 840 -9.94 -12.99 5.70
N GLU A 841 -10.06 -12.28 6.82
CA GLU A 841 -8.89 -11.82 7.56
C GLU A 841 -8.07 -12.99 8.09
N ASP A 842 -8.74 -14.05 8.56
CA ASP A 842 -8.05 -15.25 9.03
C ASP A 842 -7.34 -15.97 7.89
N ILE A 843 -7.98 -16.04 6.72
CA ILE A 843 -7.38 -16.66 5.54
C ILE A 843 -6.12 -15.91 5.12
N LEU A 844 -6.20 -14.58 5.08
CA LEU A 844 -5.04 -13.80 4.67
C LEU A 844 -3.93 -13.79 5.72
N LEU A 845 -4.30 -13.82 7.01
CA LEU A 845 -3.28 -13.93 8.06
C LEU A 845 -2.59 -15.30 8.02
N GLY A 846 -3.34 -16.36 7.75
CA GLY A 846 -2.73 -17.68 7.63
C GLY A 846 -1.86 -17.80 6.40
N LEU A 847 -2.25 -17.18 5.29
CA LEU A 847 -1.42 -17.17 4.10
C LEU A 847 -0.17 -16.32 4.29
N LYS A 848 -0.27 -15.27 5.11
CA LYS A 848 0.92 -14.51 5.49
C LYS A 848 1.84 -15.32 6.39
N ASP A 849 1.27 -16.16 7.26
CA ASP A 849 2.08 -16.90 8.23
C ASP A 849 2.89 -18.02 7.60
N MET A 850 2.47 -18.53 6.44
CA MET A 850 3.22 -19.59 5.78
C MET A 850 4.35 -19.07 4.92
N GLY A 851 4.49 -17.76 4.77
CA GLY A 851 5.57 -17.18 4.00
C GLY A 851 5.19 -16.74 2.60
N TYR A 852 3.91 -16.82 2.24
CA TYR A 852 3.46 -16.42 0.91
C TYR A 852 3.04 -14.97 0.93
N TYR A 853 3.65 -14.16 0.06
CA TYR A 853 3.23 -12.77 -0.09
C TYR A 853 1.88 -12.71 -0.78
N THR A 854 1.01 -11.84 -0.29
CA THR A 854 -0.40 -11.86 -0.66
C THR A 854 -0.86 -10.54 -1.25
N LEU A 855 -1.63 -10.63 -2.32
CA LEU A 855 -2.39 -9.51 -2.87
C LEU A 855 -3.87 -9.80 -2.69
N MET A 856 -4.62 -8.78 -2.26
CA MET A 856 -6.06 -8.92 -2.10
C MET A 856 -6.76 -7.80 -2.86
N ALA A 857 -7.57 -8.18 -3.84
CA ALA A 857 -8.36 -7.23 -4.62
C ALA A 857 -9.81 -7.31 -4.16
N GLY A 858 -10.35 -6.20 -3.67
CA GLY A 858 -11.67 -6.20 -3.10
C GLY A 858 -12.41 -4.90 -3.38
N ASP A 859 -13.73 -4.96 -3.22
CA ASP A 859 -14.58 -3.79 -3.40
C ASP A 859 -15.37 -3.42 -2.15
N GLY A 860 -16.09 -4.36 -1.57
CA GLY A 860 -17.08 -4.04 -0.57
C GLY A 860 -16.51 -3.79 0.81
N THR A 861 -17.42 -3.65 1.78
CA THR A 861 -17.07 -3.51 3.18
C THR A 861 -16.75 -4.83 3.85
N ASN A 862 -16.91 -5.94 3.15
CA ASN A 862 -16.56 -7.25 3.67
C ASN A 862 -15.08 -7.58 3.48
N ASP A 863 -14.34 -6.71 2.80
CA ASP A 863 -12.93 -6.95 2.53
C ASP A 863 -11.99 -5.95 3.19
N VAL A 864 -12.50 -5.00 3.98
CA VAL A 864 -11.65 -3.94 4.51
C VAL A 864 -10.71 -4.49 5.57
N GLY A 865 -11.13 -5.52 6.30
CA GLY A 865 -10.19 -6.24 7.14
C GLY A 865 -9.17 -7.02 6.33
N ALA A 866 -9.60 -7.60 5.21
CA ALA A 866 -8.70 -8.36 4.36
C ALA A 866 -7.74 -7.44 3.61
N LEU A 867 -8.23 -6.28 3.18
CA LEU A 867 -7.40 -5.32 2.45
C LEU A 867 -6.26 -4.75 3.30
N LYS A 868 -6.45 -4.66 4.61
CA LYS A 868 -5.42 -4.16 5.51
C LYS A 868 -4.53 -5.25 6.07
N GLN A 869 -4.80 -6.51 5.76
CA GLN A 869 -3.97 -7.62 6.23
C GLN A 869 -3.15 -8.29 5.15
N ALA A 870 -3.41 -8.00 3.87
CA ALA A 870 -2.59 -8.54 2.80
C ALA A 870 -1.29 -7.75 2.69
N HIS A 871 -0.32 -8.32 1.97
CA HIS A 871 0.92 -7.61 1.72
C HIS A 871 0.70 -6.44 0.77
N VAL A 872 -0.21 -6.60 -0.19
CA VAL A 872 -0.69 -5.47 -0.99
C VAL A 872 -2.20 -5.62 -1.19
N GLY A 873 -2.93 -4.54 -0.91
CA GLY A 873 -4.36 -4.55 -1.06
C GLY A 873 -4.84 -3.51 -2.06
N VAL A 874 -5.65 -3.93 -3.02
CA VAL A 874 -6.21 -3.06 -4.04
C VAL A 874 -7.71 -3.00 -3.86
N ALA A 875 -8.24 -1.78 -3.82
CA ALA A 875 -9.68 -1.54 -3.79
C ALA A 875 -10.13 -1.17 -5.19
N LEU A 876 -11.00 -2.00 -5.78
CA LEU A 876 -11.52 -1.77 -7.13
C LEU A 876 -12.80 -0.96 -7.01
N LEU A 877 -12.67 0.36 -7.19
CA LEU A 877 -13.83 1.24 -7.22
C LEU A 877 -14.52 1.06 -8.56
N ASN A 878 -15.71 0.47 -8.55
CA ASN A 878 -16.42 0.13 -9.79
C ASN A 878 -17.06 1.39 -10.35
N GLY A 879 -16.27 2.14 -11.13
CA GLY A 879 -16.76 3.33 -11.80
C GLY A 879 -15.88 3.72 -12.97
N THR A 880 -16.47 4.00 -14.11
CA THR A 880 -15.72 4.37 -15.31
C THR A 880 -16.09 5.77 -15.75
N GLN A 881 -15.17 6.40 -16.48
CA GLN A 881 -15.37 7.76 -16.95
C GLN A 881 -16.15 7.77 -18.27
N LEU A 1012 -3.76 13.32 -3.44
CA LEU A 1012 -4.99 13.80 -4.03
C LEU A 1012 -6.18 13.22 -3.27
N GLY A 1013 -7.24 14.01 -3.12
CA GLY A 1013 -8.42 13.56 -2.41
C GLY A 1013 -9.23 12.54 -3.20
N ASP A 1014 -10.32 12.11 -2.55
CA ASP A 1014 -11.23 11.06 -3.03
C ASP A 1014 -10.47 9.75 -3.29
N ALA A 1015 -9.51 9.43 -2.43
CA ALA A 1015 -8.82 8.16 -2.44
C ALA A 1015 -9.15 7.44 -1.14
N SER A 1016 -9.61 6.20 -1.23
CA SER A 1016 -10.12 5.49 -0.07
C SER A 1016 -8.98 5.05 0.84
N VAL A 1017 -9.26 5.02 2.14
CA VAL A 1017 -8.33 4.52 3.14
C VAL A 1017 -8.56 3.05 3.43
N ALA A 1018 -9.46 2.39 2.68
CA ALA A 1018 -9.71 0.97 2.88
C ALA A 1018 -8.52 0.13 2.46
N ALA A 1019 -7.84 0.52 1.40
CA ALA A 1019 -6.72 -0.23 0.87
C ALA A 1019 -5.55 0.70 0.59
N PRO A 1020 -4.31 0.20 0.69
CA PRO A 1020 -3.15 1.00 0.27
C PRO A 1020 -3.12 1.30 -1.23
N PHE A 1021 -3.80 0.50 -2.05
CA PHE A 1021 -3.89 0.73 -3.48
C PHE A 1021 -5.35 0.92 -3.85
N THR A 1022 -5.63 1.92 -4.69
CA THR A 1022 -7.00 2.23 -5.07
C THR A 1022 -7.06 2.40 -6.58
N SER A 1023 -7.81 1.53 -7.25
CA SER A 1023 -8.00 1.64 -8.69
C SER A 1023 -9.33 2.34 -8.93
N LYS A 1024 -9.28 3.51 -9.57
CA LYS A 1024 -10.48 4.28 -9.80
C LYS A 1024 -11.39 3.64 -10.85
N LEU A 1025 -10.80 2.94 -11.83
CA LEU A 1025 -11.58 2.27 -12.84
C LEU A 1025 -12.05 0.91 -12.34
N ARG A 1026 -12.96 0.30 -13.10
CA ARG A 1026 -13.58 -0.96 -12.73
C ARG A 1026 -12.90 -2.18 -13.34
N ASN A 1027 -11.86 -1.98 -14.14
CA ASN A 1027 -11.26 -3.09 -14.87
C ASN A 1027 -10.42 -3.97 -13.96
N VAL A 1028 -10.46 -5.29 -14.22
CA VAL A 1028 -9.64 -6.24 -13.48
C VAL A 1028 -8.19 -6.18 -13.95
N MET A 1029 -7.95 -5.65 -15.15
CA MET A 1029 -6.60 -5.52 -15.71
C MET A 1029 -5.73 -4.53 -14.95
N ALA A 1030 -6.31 -3.72 -14.04
CA ALA A 1030 -5.53 -2.92 -13.13
C ALA A 1030 -4.80 -3.76 -12.09
N ILE A 1031 -5.22 -5.00 -11.87
CA ILE A 1031 -4.58 -5.88 -10.89
C ILE A 1031 -3.25 -6.46 -11.40
N PRO A 1032 -3.12 -7.01 -12.63
CA PRO A 1032 -1.77 -7.42 -13.06
C PRO A 1032 -0.82 -6.26 -13.27
N ASN A 1033 -1.33 -5.11 -13.73
CA ASN A 1033 -0.50 -3.97 -14.09
C ASN A 1033 0.32 -3.47 -12.91
N ILE A 1034 -0.34 -3.37 -11.73
CA ILE A 1034 0.33 -3.04 -10.48
C ILE A 1034 1.47 -4.01 -10.22
N LEU A 1035 1.18 -5.31 -10.33
CA LEU A 1035 2.18 -6.35 -10.15
C LEU A 1035 3.30 -6.20 -11.17
N ARG A 1036 2.93 -5.88 -12.42
CA ARG A 1036 3.91 -5.66 -13.47
C ARG A 1036 4.82 -4.50 -13.10
N GLN A 1037 4.21 -3.40 -12.63
CA GLN A 1037 4.99 -2.23 -12.21
C GLN A 1037 5.87 -2.59 -11.04
N GLY A 1038 5.34 -3.41 -10.11
CA GLY A 1038 6.12 -3.83 -8.96
C GLY A 1038 7.33 -4.64 -9.38
N ARG A 1039 7.13 -5.55 -10.35
CA ARG A 1039 8.25 -6.34 -10.87
C ARG A 1039 9.26 -5.43 -11.54
N CYS A 1040 8.76 -4.46 -12.32
CA CYS A 1040 9.63 -3.53 -13.02
C CYS A 1040 10.41 -2.69 -12.03
N THR A 1041 9.77 -2.35 -10.90
CA THR A 1041 10.42 -1.58 -9.84
C THR A 1041 11.66 -2.31 -9.35
N LEU A 1042 11.49 -3.59 -9.00
CA LEU A 1042 12.61 -4.40 -8.51
C LEU A 1042 13.67 -4.52 -9.59
N VAL A 1043 13.20 -4.70 -10.84
CA VAL A 1043 14.10 -4.89 -11.97
C VAL A 1043 14.93 -3.63 -12.18
N ALA A 1044 14.27 -2.46 -12.08
CA ALA A 1044 14.97 -1.19 -12.25
C ALA A 1044 16.00 -1.02 -11.16
N THR A 1045 15.61 -1.37 -9.91
CA THR A 1045 16.51 -1.28 -8.78
C THR A 1045 17.70 -2.20 -8.98
N ILE A 1046 17.43 -3.41 -9.49
CA ILE A 1046 18.48 -4.41 -9.71
C ILE A 1046 19.49 -3.87 -10.72
N GLN A 1047 19.00 -3.23 -11.79
CA GLN A 1047 19.91 -2.78 -12.83
C GLN A 1047 20.77 -1.64 -12.31
N MET A 1048 20.21 -0.79 -11.44
CA MET A 1048 21.04 0.29 -10.93
C MET A 1048 22.02 -0.25 -9.90
N TYR A 1049 21.61 -1.29 -9.16
CA TYR A 1049 22.52 -1.92 -8.22
C TYR A 1049 23.57 -2.75 -8.94
N LYS A 1050 23.40 -2.99 -10.24
CA LYS A 1050 24.45 -3.60 -11.02
C LYS A 1050 25.26 -2.59 -11.81
N ILE A 1051 24.78 -1.35 -11.96
CA ILE A 1051 25.50 -0.41 -12.79
C ILE A 1051 26.41 0.44 -11.91
N LEU A 1052 25.80 1.17 -10.97
CA LEU A 1052 26.46 2.26 -10.24
C LEU A 1052 27.69 1.76 -9.48
N ALA A 1053 27.49 0.70 -8.68
CA ALA A 1053 28.58 0.07 -7.94
C ALA A 1053 29.71 -0.36 -8.87
N LEU A 1054 29.35 -1.04 -9.97
CA LEU A 1054 30.35 -1.47 -10.95
C LEU A 1054 31.07 -0.28 -11.54
N ASN A 1055 30.30 0.79 -11.85
CA ASN A 1055 30.88 2.03 -12.37
C ASN A 1055 31.90 2.58 -11.39
N CYS A 1056 31.51 2.64 -10.11
CA CYS A 1056 32.38 3.18 -9.08
C CYS A 1056 33.61 2.32 -8.92
N LEU A 1057 33.43 0.99 -9.01
CA LEU A 1057 34.54 0.06 -8.86
C LEU A 1057 35.56 0.28 -9.96
N ILE A 1058 35.06 0.49 -11.20
CA ILE A 1058 35.94 0.73 -12.34
C ILE A 1058 36.76 1.98 -12.10
N SER A 1059 36.08 3.04 -11.64
CA SER A 1059 36.73 4.32 -11.40
C SER A 1059 37.81 4.18 -10.35
N ALA A 1060 37.50 3.42 -9.29
CA ALA A 1060 38.43 3.24 -8.18
C ALA A 1060 39.69 2.56 -8.66
N TYR A 1061 39.53 1.49 -9.44
CA TYR A 1061 40.72 0.75 -9.82
C TYR A 1061 41.48 1.49 -10.90
N SER A 1062 40.75 2.32 -11.68
CA SER A 1062 41.43 3.18 -12.65
C SER A 1062 42.33 4.16 -11.94
N LEU A 1063 41.81 4.76 -10.85
CA LEU A 1063 42.60 5.66 -10.04
C LEU A 1063 43.78 4.93 -9.42
N SER A 1064 43.55 3.67 -8.99
CA SER A 1064 44.61 2.87 -8.43
C SER A 1064 45.70 2.60 -9.45
N VAL A 1065 45.30 2.31 -10.69
CA VAL A 1065 46.29 2.04 -11.73
C VAL A 1065 47.02 3.33 -12.10
N LEU A 1066 46.36 4.48 -11.92
CA LEU A 1066 47.08 5.73 -12.02
C LEU A 1066 47.98 5.96 -10.81
N TYR A 1067 47.45 5.73 -9.60
CA TYR A 1067 48.17 6.15 -8.41
C TYR A 1067 49.27 5.18 -8.01
N LEU A 1068 49.34 4.02 -8.66
CA LEU A 1068 50.52 3.18 -8.51
C LEU A 1068 51.71 3.76 -9.24
N GLU A 1069 51.48 4.59 -10.27
CA GLU A 1069 52.56 5.11 -11.10
C GLU A 1069 52.78 6.60 -10.94
N GLY A 1070 52.04 7.27 -10.05
CA GLY A 1070 52.28 8.67 -9.74
C GLY A 1070 51.58 9.66 -10.64
N ILE A 1071 50.99 9.21 -11.75
CA ILE A 1071 50.27 10.10 -12.66
C ILE A 1071 48.84 10.24 -12.15
N LYS A 1072 48.26 11.42 -12.35
CA LYS A 1072 46.89 11.69 -11.95
C LYS A 1072 46.02 11.89 -13.19
N PHE A 1073 44.71 11.80 -12.98
CA PHE A 1073 43.76 12.08 -14.05
C PHE A 1073 43.76 13.56 -14.39
N GLY A 1074 43.53 13.86 -15.67
CA GLY A 1074 43.30 15.23 -16.06
C GLY A 1074 41.96 15.73 -15.56
N ASP A 1075 41.89 17.03 -15.31
CA ASP A 1075 40.64 17.63 -14.85
C ASP A 1075 39.58 17.62 -15.95
N GLY A 1076 39.99 17.98 -17.16
CA GLY A 1076 39.06 17.95 -18.29
C GLY A 1076 38.65 16.53 -18.66
N GLN A 1077 39.58 15.58 -18.53
CA GLN A 1077 39.26 14.18 -18.84
C GLN A 1077 38.22 13.61 -17.89
N ILE A 1078 38.41 13.82 -16.58
CA ILE A 1078 37.46 13.28 -15.63
C ILE A 1078 36.14 14.05 -15.64
N THR A 1079 36.17 15.35 -16.01
CA THR A 1079 34.92 16.09 -16.15
C THR A 1079 34.14 15.63 -17.37
N ILE A 1080 34.84 15.36 -18.48
CA ILE A 1080 34.19 14.84 -19.68
C ILE A 1080 33.62 13.44 -19.42
N SER A 1081 34.37 12.60 -18.70
CA SER A 1081 33.89 11.26 -18.35
C SER A 1081 32.67 11.31 -17.45
N GLY A 1082 32.66 12.22 -16.47
CA GLY A 1082 31.48 12.37 -15.62
C GLY A 1082 30.28 12.91 -16.38
N MET A 1083 30.50 13.84 -17.30
CA MET A 1083 29.41 14.36 -18.13
C MET A 1083 28.84 13.28 -19.04
N LEU A 1084 29.70 12.43 -19.61
CA LEU A 1084 29.22 11.35 -20.47
C LEU A 1084 28.48 10.29 -19.67
N MET A 1085 28.92 10.03 -18.44
CA MET A 1085 28.19 9.07 -17.59
C MET A 1085 26.84 9.64 -17.16
N SER A 1086 26.76 10.95 -16.91
CA SER A 1086 25.47 11.57 -16.61
C SER A 1086 24.55 11.55 -17.82
N VAL A 1087 25.11 11.72 -19.02
CA VAL A 1087 24.34 11.65 -20.25
C VAL A 1087 23.79 10.24 -20.45
N CYS A 1088 24.61 9.22 -20.21
CA CYS A 1088 24.14 7.84 -20.34
C CYS A 1088 23.14 7.46 -19.25
N PHE A 1089 23.28 8.02 -18.04
CA PHE A 1089 22.29 7.81 -16.99
C PHE A 1089 20.94 8.42 -17.36
N LEU A 1090 20.96 9.64 -17.91
CA LEU A 1090 19.73 10.27 -18.37
C LEU A 1090 19.12 9.53 -19.56
N SER A 1091 19.96 8.94 -20.42
CA SER A 1091 19.45 8.18 -21.55
C SER A 1091 18.83 6.86 -21.11
N ILE A 1092 19.42 6.21 -20.10
CA ILE A 1092 18.93 4.92 -19.61
C ILE A 1092 17.81 5.06 -18.58
N SER A 1093 17.58 6.26 -18.05
CA SER A 1093 16.55 6.43 -17.03
C SER A 1093 15.14 6.35 -17.63
N ARG A 1094 14.96 6.82 -18.86
CA ARG A 1094 13.64 6.85 -19.49
C ARG A 1094 13.39 5.52 -20.18
N ALA A 1095 12.60 4.66 -19.56
CA ALA A 1095 12.25 3.36 -20.13
C ALA A 1095 10.91 2.92 -19.56
N ARG A 1096 9.97 2.57 -20.45
CA ARG A 1096 8.67 2.10 -20.04
C ARG A 1096 8.70 0.58 -19.88
N SER A 1097 7.54 -0.04 -19.78
CA SER A 1097 7.43 -1.47 -19.55
C SER A 1097 6.74 -2.15 -20.73
N VAL A 1098 6.80 -3.49 -20.73
CA VAL A 1098 6.16 -4.30 -21.75
C VAL A 1098 4.66 -4.37 -21.49
N GLU A 1099 3.91 -4.88 -22.46
CA GLU A 1099 2.45 -4.93 -22.40
C GLU A 1099 1.92 -6.19 -21.71
N GLY A 1100 2.79 -7.05 -21.21
CA GLY A 1100 2.33 -8.26 -20.55
C GLY A 1100 3.27 -8.68 -19.44
N LEU A 1101 2.79 -9.64 -18.65
CA LEU A 1101 3.56 -10.21 -17.56
C LEU A 1101 4.35 -11.43 -18.05
N SER A 1102 5.32 -11.85 -17.25
CA SER A 1102 6.24 -12.91 -17.63
C SER A 1102 6.35 -13.94 -16.52
N LYS A 1103 6.76 -15.16 -16.91
CA LYS A 1103 6.94 -16.23 -15.95
C LYS A 1103 8.14 -16.03 -15.04
N GLU A 1104 9.13 -15.26 -15.48
CA GLU A 1104 10.29 -14.98 -14.65
C GLU A 1104 9.93 -14.01 -13.53
N ARG A 1105 10.63 -14.14 -12.40
CA ARG A 1105 10.41 -13.29 -11.26
C ARG A 1105 11.71 -12.61 -10.87
N PRO A 1106 11.70 -11.29 -10.62
CA PRO A 1106 12.93 -10.62 -10.20
C PRO A 1106 13.31 -10.96 -8.77
N GLN A 1107 14.60 -10.88 -8.48
CA GLN A 1107 15.09 -11.17 -7.15
C GLN A 1107 14.82 -9.99 -6.22
N PRO A 1108 14.11 -10.20 -5.11
CA PRO A 1108 13.79 -9.07 -4.21
C PRO A 1108 15.01 -8.57 -3.45
N ASN A 1109 15.78 -9.49 -2.88
CA ASN A 1109 16.98 -9.13 -2.15
C ASN A 1109 18.08 -8.71 -3.12
N ILE A 1110 19.03 -7.94 -2.60
CA ILE A 1110 20.13 -7.42 -3.41
C ILE A 1110 21.42 -8.22 -3.22
N PHE A 1111 21.48 -9.09 -2.22
CA PHE A 1111 22.65 -9.92 -1.96
C PHE A 1111 22.45 -11.34 -2.46
N ASN A 1112 21.75 -11.51 -3.58
CA ASN A 1112 21.56 -12.81 -4.19
C ASN A 1112 22.82 -13.22 -4.93
N PHE A 1113 22.84 -14.45 -5.45
CA PHE A 1113 24.00 -14.92 -6.17
C PHE A 1113 24.11 -14.29 -7.55
N TYR A 1114 22.99 -13.90 -8.16
CA TYR A 1114 23.02 -13.34 -9.50
C TYR A 1114 23.70 -11.98 -9.54
N ILE A 1115 23.28 -11.06 -8.66
CA ILE A 1115 23.80 -9.69 -8.69
C ILE A 1115 25.27 -9.67 -8.26
N ILE A 1116 25.58 -10.36 -7.15
CA ILE A 1116 26.94 -10.41 -6.63
C ILE A 1116 27.86 -11.14 -7.59
N GLY A 1117 27.39 -12.26 -8.17
CA GLY A 1117 28.21 -13.00 -9.12
C GLY A 1117 28.48 -12.24 -10.41
N SER A 1118 27.45 -11.55 -10.94
CA SER A 1118 27.64 -10.75 -12.15
C SER A 1118 28.57 -9.57 -11.90
N ILE A 1119 28.44 -8.92 -10.74
CA ILE A 1119 29.30 -7.79 -10.40
C ILE A 1119 30.74 -8.25 -10.21
N LEU A 1120 30.95 -9.39 -9.53
CA LEU A 1120 32.30 -9.89 -9.32
C LEU A 1120 32.94 -10.36 -10.64
N GLY A 1121 32.18 -11.02 -11.51
CA GLY A 1121 32.72 -11.45 -12.78
C GLY A 1121 33.07 -10.29 -13.71
N GLN A 1122 32.18 -9.30 -13.81
CA GLN A 1122 32.46 -8.14 -14.65
C GLN A 1122 33.59 -7.30 -14.08
N PHE A 1123 33.68 -7.20 -12.75
CA PHE A 1123 34.78 -6.48 -12.12
C PHE A 1123 36.11 -7.20 -12.33
N ALA A 1124 36.10 -8.55 -12.30
CA ALA A 1124 37.30 -9.31 -12.58
C ALA A 1124 37.77 -9.13 -14.02
N VAL A 1125 36.81 -9.10 -14.97
CA VAL A 1125 37.15 -8.88 -16.38
C VAL A 1125 37.72 -7.47 -16.57
N HIS A 1126 37.10 -6.47 -15.93
CA HIS A 1126 37.57 -5.09 -16.05
C HIS A 1126 38.95 -4.90 -15.43
N VAL A 1127 39.20 -5.51 -14.26
CA VAL A 1127 40.51 -5.35 -13.63
C VAL A 1127 41.58 -6.15 -14.37
N ALA A 1128 41.20 -7.26 -15.02
CA ALA A 1128 42.17 -8.00 -15.83
C ALA A 1128 42.58 -7.21 -17.06
N THR A 1129 41.61 -6.59 -17.74
CA THR A 1129 41.93 -5.78 -18.91
C THR A 1129 42.72 -4.53 -18.52
N LEU A 1130 42.38 -3.94 -17.37
CA LEU A 1130 43.10 -2.74 -16.90
C LEU A 1130 44.55 -3.07 -16.53
N ILE A 1131 44.76 -4.20 -15.84
CA ILE A 1131 46.11 -4.62 -15.47
C ILE A 1131 46.93 -4.98 -16.71
N TYR A 1132 46.30 -5.65 -17.68
CA TYR A 1132 47.00 -6.00 -18.93
C TYR A 1132 47.38 -4.76 -19.73
N ILE A 1133 46.49 -3.77 -19.79
CA ILE A 1133 46.79 -2.54 -20.52
C ILE A 1133 47.87 -1.74 -19.81
N ALA A 1134 47.86 -1.72 -18.48
CA ALA A 1134 48.93 -1.06 -17.73
C ALA A 1134 50.28 -1.73 -17.94
N GLN A 1135 50.29 -3.07 -17.97
CA GLN A 1135 51.55 -3.79 -18.22
C GLN A 1135 52.03 -3.59 -19.65
N LEU A 1136 51.10 -3.51 -20.61
CA LEU A 1136 51.48 -3.25 -21.99
C LEU A 1136 52.04 -1.84 -22.17
N CYS A 1137 51.45 -0.85 -21.48
CA CYS A 1137 51.96 0.50 -21.54
C CYS A 1137 53.30 0.65 -20.84
N ASP A 1138 53.54 -0.13 -19.77
CA ASP A 1138 54.87 -0.17 -19.18
C ASP A 1138 55.87 -0.89 -20.08
N GLN A 1139 55.40 -1.84 -20.88
CA GLN A 1139 56.27 -2.51 -21.84
C GLN A 1139 56.67 -1.59 -22.99
N ILE A 1140 55.73 -0.76 -23.46
CA ILE A 1140 56.02 0.12 -24.59
C ILE A 1140 57.00 1.23 -24.18
N GLU A 1141 56.73 1.90 -23.06
CA GLU A 1141 57.63 2.93 -22.58
C GLU A 1141 57.93 2.72 -21.09
N PRO A 1142 59.16 2.92 -20.67
CA PRO A 1142 59.49 2.77 -19.25
C PRO A 1142 59.02 3.95 -18.42
N ARG A 1143 58.93 3.71 -17.12
CA ARG A 1143 58.53 4.73 -16.15
C ARG A 1143 59.74 5.13 -15.32
N THR A 1144 59.97 6.43 -15.20
CA THR A 1144 61.10 6.94 -14.43
C THR A 1144 60.66 8.03 -13.47
N ALA A 1151 54.51 18.21 -9.34
CA ALA A 1151 53.97 17.29 -10.32
C ALA A 1151 52.66 17.80 -10.90
N GLU A 1152 52.68 18.16 -12.18
CA GLU A 1152 51.52 18.66 -12.89
C GLU A 1152 51.00 17.58 -13.84
N PHE A 1153 49.78 17.78 -14.32
CA PHE A 1153 49.21 16.85 -15.30
C PHE A 1153 49.90 17.01 -16.64
N LYS A 1154 50.53 15.93 -17.12
CA LYS A 1154 51.21 15.90 -18.39
C LYS A 1154 50.63 14.72 -19.15
N PRO A 1155 50.31 14.87 -20.43
CA PRO A 1155 49.75 13.75 -21.19
C PRO A 1155 50.77 12.64 -21.42
N SER A 1156 50.34 11.41 -21.13
CA SER A 1156 51.20 10.23 -21.26
C SER A 1156 50.38 9.11 -21.87
N LEU A 1157 51.07 8.04 -22.27
CA LEU A 1157 50.41 6.90 -22.89
C LEU A 1157 49.57 6.13 -21.86
N LEU A 1158 50.09 6.00 -20.64
CA LEU A 1158 49.37 5.24 -19.61
C LEU A 1158 48.13 5.98 -19.14
N ASN A 1159 48.22 7.31 -19.00
CA ASN A 1159 47.05 8.10 -18.60
C ASN A 1159 45.96 8.07 -19.66
N SER A 1160 46.34 8.20 -20.94
CA SER A 1160 45.39 8.13 -22.03
C SER A 1160 44.76 6.75 -22.14
N ALA A 1161 45.56 5.69 -21.98
CA ALA A 1161 45.04 4.34 -22.06
C ALA A 1161 44.10 4.01 -20.92
N VAL A 1162 44.45 4.44 -19.69
CA VAL A 1162 43.59 4.17 -18.54
C VAL A 1162 42.29 4.98 -18.63
N TYR A 1163 42.38 6.23 -19.12
CA TYR A 1163 41.18 7.05 -19.32
C TYR A 1163 40.27 6.46 -20.38
N LEU A 1164 40.83 6.00 -21.50
CA LEU A 1164 40.00 5.39 -22.55
C LEU A 1164 39.41 4.07 -22.08
N LEU A 1165 40.17 3.28 -21.32
CA LEU A 1165 39.63 2.02 -20.80
C LEU A 1165 38.52 2.24 -19.79
N GLN A 1166 38.65 3.22 -18.89
CA GLN A 1166 37.59 3.44 -17.92
C GLN A 1166 36.35 4.03 -18.58
N LEU A 1167 36.53 4.87 -19.61
CA LEU A 1167 35.39 5.37 -20.38
C LEU A 1167 34.66 4.24 -21.09
N ILE A 1168 35.41 3.39 -21.80
CA ILE A 1168 34.76 2.32 -22.57
C ILE A 1168 34.23 1.23 -21.65
N GLN A 1169 34.81 1.06 -20.44
CA GLN A 1169 34.30 0.05 -19.52
C GLN A 1169 33.03 0.52 -18.82
N GLN A 1170 32.94 1.82 -18.52
CA GLN A 1170 31.70 2.36 -18.00
C GLN A 1170 30.59 2.32 -19.05
N ILE A 1171 30.92 2.59 -20.31
CA ILE A 1171 29.93 2.46 -21.38
C ILE A 1171 29.53 1.01 -21.58
N SER A 1172 30.49 0.08 -21.49
CA SER A 1172 30.19 -1.34 -21.65
C SER A 1172 29.32 -1.87 -20.52
N THR A 1173 29.57 -1.43 -19.29
CA THR A 1173 28.71 -1.88 -18.20
C THR A 1173 27.38 -1.12 -18.14
N PHE A 1174 27.26 0.01 -18.87
CA PHE A 1174 25.94 0.58 -19.09
C PHE A 1174 25.16 -0.23 -20.12
N ALA A 1175 25.82 -0.65 -21.20
CA ALA A 1175 25.14 -1.36 -22.27
C ALA A 1175 24.84 -2.81 -21.93
N VAL A 1176 25.64 -3.42 -21.06
CA VAL A 1176 25.51 -4.84 -20.74
C VAL A 1176 24.52 -5.07 -19.61
N ASN A 1177 24.58 -4.27 -18.55
CA ASN A 1177 23.83 -4.52 -17.34
C ASN A 1177 22.40 -3.98 -17.40
N TYR A 1178 21.99 -3.39 -18.52
CA TYR A 1178 20.63 -2.91 -18.67
C TYR A 1178 19.68 -4.09 -18.83
N GLN A 1179 18.68 -4.17 -17.96
CA GLN A 1179 17.71 -5.25 -18.02
C GLN A 1179 16.80 -5.08 -19.23
N GLY A 1180 16.48 -6.20 -19.88
CA GLY A 1180 15.82 -6.14 -21.18
C GLY A 1180 14.50 -6.88 -21.29
N ARG A 1181 14.46 -7.83 -22.21
CA ARG A 1181 13.23 -8.46 -22.70
C ARG A 1181 12.29 -9.06 -21.64
N PRO A 1182 12.71 -9.84 -20.63
CA PRO A 1182 11.71 -10.48 -19.75
C PRO A 1182 10.92 -9.52 -18.87
N PHE A 1183 11.34 -8.27 -18.70
CA PHE A 1183 10.60 -7.37 -17.81
C PHE A 1183 10.40 -5.98 -18.40
N ARG A 1184 11.15 -5.63 -19.44
CA ARG A 1184 11.08 -4.30 -20.02
C ARG A 1184 11.38 -4.40 -21.51
N GLU A 1185 11.57 -3.25 -22.15
CA GLU A 1185 12.02 -3.23 -23.54
C GLU A 1185 13.49 -3.56 -23.60
N SER A 1186 13.94 -4.00 -24.77
CA SER A 1186 15.35 -4.24 -24.97
C SER A 1186 16.10 -2.93 -25.21
N LEU A 1187 17.41 -3.04 -25.42
CA LEU A 1187 18.21 -1.85 -25.69
C LEU A 1187 17.92 -1.27 -27.05
N SER A 1188 17.59 -2.13 -28.03
CA SER A 1188 17.42 -1.66 -29.40
C SER A 1188 16.06 -0.98 -29.59
N GLU A 1189 15.06 -1.34 -28.78
CA GLU A 1189 13.71 -0.84 -29.03
C GLU A 1189 13.57 0.63 -28.69
N ASN A 1190 14.09 1.06 -27.54
CA ASN A 1190 14.17 2.47 -27.22
C ASN A 1190 15.30 3.06 -28.04
N LYS A 1191 14.96 3.62 -29.20
CA LYS A 1191 15.99 4.09 -30.13
C LYS A 1191 16.68 5.36 -29.62
N GLY A 1192 16.00 6.13 -28.77
CA GLY A 1192 16.69 7.22 -28.09
C GLY A 1192 17.75 6.73 -27.13
N MET A 1193 17.44 5.69 -26.35
CA MET A 1193 18.41 5.09 -25.44
C MET A 1193 19.56 4.44 -26.19
N PHE A 1194 19.25 3.68 -27.25
CA PHE A 1194 20.26 3.02 -28.06
C PHE A 1194 21.16 4.03 -28.76
N TYR A 1195 20.57 5.10 -29.31
CA TYR A 1195 21.38 6.12 -29.98
C TYR A 1195 22.20 6.93 -28.99
N GLY A 1196 21.68 7.14 -27.77
CA GLY A 1196 22.47 7.81 -26.75
C GLY A 1196 23.66 6.99 -26.29
N ILE A 1197 23.50 5.67 -26.20
CA ILE A 1197 24.65 4.82 -25.85
C ILE A 1197 25.63 4.74 -27.03
N VAL A 1198 25.12 4.59 -28.25
CA VAL A 1198 25.94 4.43 -29.44
C VAL A 1198 26.70 5.72 -29.76
N GLY A 1199 26.15 6.89 -29.41
CA GLY A 1199 26.88 8.14 -29.62
C GLY A 1199 28.13 8.25 -28.78
N VAL A 1200 28.02 7.90 -27.49
CA VAL A 1200 29.20 7.89 -26.62
C VAL A 1200 30.16 6.76 -27.01
N THR A 1201 29.62 5.62 -27.47
CA THR A 1201 30.46 4.53 -27.97
C THR A 1201 31.27 4.97 -29.19
N ALA A 1202 30.63 5.68 -30.12
CA ALA A 1202 31.30 6.18 -31.30
C ALA A 1202 32.29 7.29 -30.97
N ILE A 1203 31.99 8.11 -29.96
CA ILE A 1203 32.94 9.14 -29.52
C ILE A 1203 34.21 8.49 -28.95
N ALA A 1204 34.02 7.48 -28.09
CA ALA A 1204 35.16 6.79 -27.47
C ALA A 1204 35.97 6.01 -28.51
N PHE A 1205 35.29 5.34 -29.45
CA PHE A 1205 36.01 4.60 -30.48
C PHE A 1205 36.60 5.52 -31.55
N ALA A 1206 36.07 6.74 -31.71
CA ALA A 1206 36.68 7.69 -32.62
C ALA A 1206 37.94 8.30 -32.03
N CYS A 1207 37.92 8.61 -30.73
CA CYS A 1207 39.14 9.11 -30.10
C CYS A 1207 40.10 7.98 -29.71
N SER A 1208 39.69 6.73 -29.86
CA SER A 1208 40.63 5.61 -29.69
C SER A 1208 41.28 5.18 -30.99
N THR A 1209 40.65 5.44 -32.13
CA THR A 1209 41.18 5.10 -33.45
C THR A 1209 42.11 6.21 -33.97
N GLU A 1210 42.12 7.36 -33.29
CA GLU A 1210 42.84 8.59 -33.67
C GLU A 1210 42.39 9.11 -35.04
N MET A 1211 41.10 8.95 -35.34
CA MET A 1211 40.56 9.51 -36.59
C MET A 1211 40.33 11.01 -36.49
N LEU A 1212 40.07 11.52 -35.28
CA LEU A 1212 39.82 12.95 -35.08
C LEU A 1212 40.86 13.51 -34.10
N PRO A 1213 41.84 14.29 -34.58
CA PRO A 1213 42.84 14.85 -33.65
C PRO A 1213 42.30 15.96 -32.76
N GLU A 1214 41.20 16.61 -33.15
CA GLU A 1214 40.64 17.68 -32.32
C GLU A 1214 40.05 17.13 -31.03
N LEU A 1215 39.37 15.97 -31.11
CA LEU A 1215 38.85 15.33 -29.90
C LEU A 1215 39.96 14.79 -29.03
N ASN A 1216 41.07 14.35 -29.62
CA ASN A 1216 42.19 13.83 -28.84
C ASN A 1216 42.96 14.96 -28.16
N GLU A 1217 43.08 16.12 -28.82
CA GLU A 1217 43.72 17.26 -28.18
C GLU A 1217 42.78 18.02 -27.25
N ALA A 1218 41.47 17.77 -27.33
CA ALA A 1218 40.55 18.39 -26.39
C ALA A 1218 40.65 17.75 -25.01
N MET A 1219 40.86 16.44 -24.96
CA MET A 1219 40.98 15.70 -23.71
C MET A 1219 42.44 15.39 -23.36
N LYS A 1220 43.39 15.99 -24.07
CA LYS A 1220 44.84 15.86 -23.85
C LYS A 1220 45.29 14.40 -23.92
N LEU A 1221 45.03 13.78 -25.07
CA LEU A 1221 45.41 12.40 -25.33
C LEU A 1221 46.57 12.38 -26.31
N VAL A 1222 47.60 11.60 -25.97
CA VAL A 1222 48.80 11.47 -26.79
C VAL A 1222 48.46 10.66 -28.04
N PRO A 1223 49.18 10.84 -29.15
CA PRO A 1223 48.99 9.95 -30.30
C PRO A 1223 49.43 8.52 -29.99
N PHE A 1224 48.73 7.58 -30.61
CA PHE A 1224 48.94 6.16 -30.32
C PHE A 1224 49.68 5.48 -31.46
N ASN A 1225 50.49 4.49 -31.10
CA ASN A 1225 51.09 3.60 -32.09
C ASN A 1225 49.99 2.73 -32.71
N GLU A 1226 50.15 2.43 -34.00
CA GLU A 1226 49.12 1.71 -34.76
C GLU A 1226 48.91 0.30 -34.24
N ASN A 1227 50.02 -0.41 -33.94
CA ASN A 1227 49.91 -1.74 -33.35
C ASN A 1227 49.30 -1.67 -31.95
N PHE A 1228 49.69 -0.65 -31.17
CA PHE A 1228 49.09 -0.42 -29.86
C PHE A 1228 47.60 -0.08 -29.98
N LYS A 1229 47.23 0.69 -31.01
CA LYS A 1229 45.83 1.02 -31.25
C LYS A 1229 45.01 -0.22 -31.59
N THR A 1230 45.55 -1.10 -32.45
CA THR A 1230 44.86 -2.34 -32.80
C THR A 1230 44.73 -3.26 -31.59
N ILE A 1231 45.80 -3.38 -30.79
CA ILE A 1231 45.78 -4.22 -29.60
C ILE A 1231 44.78 -3.69 -28.58
N MET A 1232 44.73 -2.36 -28.41
CA MET A 1232 43.82 -1.77 -27.44
C MET A 1232 42.36 -1.88 -27.89
N THR A 1233 42.09 -1.74 -29.20
CA THR A 1233 40.74 -1.93 -29.71
C THR A 1233 40.29 -3.37 -29.54
N THR A 1234 41.19 -4.33 -29.78
CA THR A 1234 40.89 -5.74 -29.54
C THR A 1234 40.66 -6.01 -28.05
N VAL A 1235 41.39 -5.31 -27.18
CA VAL A 1235 41.21 -5.44 -25.74
C VAL A 1235 39.85 -4.91 -25.31
N MET A 1236 39.42 -3.77 -25.87
CA MET A 1236 38.10 -3.22 -25.56
C MET A 1236 36.98 -4.15 -26.03
N ILE A 1237 37.12 -4.71 -27.24
CA ILE A 1237 36.12 -5.63 -27.76
C ILE A 1237 36.06 -6.91 -26.93
N ILE A 1238 37.22 -7.42 -26.52
CA ILE A 1238 37.30 -8.62 -25.69
C ILE A 1238 36.68 -8.37 -24.32
N ASP A 1239 36.92 -7.18 -23.75
CA ASP A 1239 36.34 -6.81 -22.46
C ASP A 1239 34.82 -6.74 -22.52
N PHE A 1240 34.29 -6.08 -23.56
CA PHE A 1240 32.84 -5.97 -23.72
C PHE A 1240 32.19 -7.33 -23.96
N VAL A 1241 32.84 -8.16 -24.78
CA VAL A 1241 32.30 -9.49 -25.10
C VAL A 1241 32.31 -10.39 -23.86
N ALA A 1242 33.39 -10.33 -23.08
CA ALA A 1242 33.48 -11.15 -21.86
C ALA A 1242 32.49 -10.69 -20.80
N CYS A 1243 32.29 -9.37 -20.66
CA CYS A 1243 31.29 -8.86 -19.73
C CYS A 1243 29.88 -9.26 -20.14
N TYR A 1244 29.57 -9.18 -21.43
CA TYR A 1244 28.25 -9.59 -21.92
C TYR A 1244 28.03 -11.09 -21.76
N VAL A 1245 29.07 -11.90 -21.99
CA VAL A 1245 28.95 -13.35 -21.86
C VAL A 1245 28.74 -13.73 -20.40
N ILE A 1246 29.48 -13.12 -19.47
CA ILE A 1246 29.33 -13.40 -18.04
C ILE A 1246 27.95 -12.97 -17.55
N GLU A 1247 27.49 -11.79 -17.96
CA GLU A 1247 26.18 -11.32 -17.54
C GLU A 1247 25.05 -12.16 -18.13
N TRP A 1248 25.19 -12.59 -19.39
CA TRP A 1248 24.15 -13.41 -20.01
C TRP A 1248 24.08 -14.79 -19.38
N VAL A 1249 25.24 -15.39 -19.08
CA VAL A 1249 25.27 -16.70 -18.44
C VAL A 1249 24.68 -16.63 -17.03
N LEU A 1250 25.06 -15.61 -16.26
CA LEU A 1250 24.53 -15.50 -14.90
C LEU A 1250 23.07 -15.07 -14.88
N LYS A 1251 22.61 -14.37 -15.92
CA LYS A 1251 21.20 -14.04 -16.02
C LYS A 1251 20.36 -15.26 -16.38
N LYS A 1252 20.86 -16.08 -17.31
CA LYS A 1252 20.16 -17.31 -17.67
C LYS A 1252 20.21 -18.34 -16.55
N LEU A 1253 21.19 -18.28 -15.66
CA LEU A 1253 21.30 -19.28 -14.61
C LEU A 1253 20.64 -18.85 -13.30
N PHE A 1254 21.00 -17.68 -12.75
CA PHE A 1254 20.64 -17.34 -11.38
C PHE A 1254 19.73 -16.13 -11.24
N SER A 1255 19.41 -15.42 -12.31
CA SER A 1255 18.55 -14.24 -12.18
C SER A 1255 17.09 -14.61 -11.98
N ASP A 1256 16.66 -15.75 -12.52
CA ASP A 1256 15.26 -16.16 -12.44
C ASP A 1256 14.99 -16.66 -11.03
N LEU A 1257 14.30 -15.85 -10.24
CA LEU A 1257 13.83 -16.31 -8.93
C LEU A 1257 12.71 -17.30 -9.14
N ARG A 1258 12.88 -18.50 -8.56
CA ARG A 1258 11.94 -19.59 -8.81
C ARG A 1258 10.60 -19.32 -8.12
N ALA A 1259 9.53 -19.72 -8.79
CA ALA A 1259 8.20 -19.62 -8.22
C ALA A 1259 8.05 -20.57 -7.04
N ARG A 1260 7.30 -20.14 -6.03
CA ARG A 1260 7.07 -20.98 -4.87
C ARG A 1260 6.12 -22.12 -5.22
N ASP A 1261 6.03 -23.10 -4.30
CA ASP A 1261 5.31 -24.33 -4.58
C ASP A 1261 3.80 -24.14 -4.69
N ILE A 1262 3.27 -23.04 -4.16
CA ILE A 1262 1.84 -22.79 -4.33
C ILE A 1262 1.54 -22.24 -5.73
N ALA A 1263 2.52 -21.63 -6.38
CA ALA A 1263 2.33 -21.04 -7.71
C ALA A 1263 2.87 -21.91 -8.83
N GLU A 1264 3.46 -23.07 -8.52
CA GLU A 1264 3.96 -23.97 -9.56
C GLU A 1264 2.80 -24.70 -10.21
N ARG A 1265 2.86 -24.85 -11.53
CA ARG A 1265 1.76 -25.35 -12.32
C ARG A 1265 2.03 -26.80 -12.72
N ARG A 1266 0.96 -27.58 -12.84
CA ARG A 1266 1.06 -28.96 -13.30
C ARG A 1266 1.42 -28.99 -14.79
N PRO A 1267 2.01 -30.11 -15.27
CA PRO A 1267 2.35 -30.21 -16.69
C PRO A 1267 1.18 -30.08 -17.67
N ASP A 1268 -0.03 -30.50 -17.28
CA ASP A 1268 -1.17 -30.37 -18.19
C ASP A 1268 -1.59 -28.91 -18.33
N GLN A 1269 -1.48 -28.12 -17.25
CA GLN A 1269 -1.76 -26.69 -17.34
C GLN A 1269 -0.74 -25.97 -18.21
N LEU A 1270 0.54 -26.35 -18.10
CA LEU A 1270 1.57 -25.76 -18.94
C LEU A 1270 1.40 -26.17 -20.40
N GLU A 1271 0.97 -27.40 -20.65
CA GLU A 1271 0.70 -27.83 -22.02
C GLU A 1271 -0.49 -27.09 -22.61
N ARG A 1272 -1.54 -26.88 -21.83
CA ARG A 1272 -2.70 -26.11 -22.29
C ARG A 1272 -2.32 -24.65 -22.57
N GLU A 1273 -1.49 -24.06 -21.69
CA GLU A 1273 -1.00 -22.71 -21.90
C GLU A 1273 -0.15 -22.59 -23.15
N ARG A 1274 0.72 -23.58 -23.40
CA ARG A 1274 1.56 -23.58 -24.59
C ARG A 1274 0.73 -23.75 -25.86
N VAL A 1275 -0.29 -24.61 -25.81
CA VAL A 1275 -1.17 -24.81 -26.96
C VAL A 1275 -1.95 -23.54 -27.26
N ARG A 1276 -2.45 -22.87 -26.21
CA ARG A 1276 -3.21 -21.63 -26.41
C ARG A 1276 -2.32 -20.50 -26.91
N LYS A 1277 -1.08 -20.42 -26.42
CA LYS A 1277 -0.15 -19.41 -26.91
C LYS A 1277 0.23 -19.65 -28.37
N GLU A 1278 0.44 -20.92 -28.74
CA GLU A 1278 0.72 -21.25 -30.14
C GLU A 1278 -0.47 -20.95 -31.04
N LYS A 1279 -1.68 -21.21 -30.55
CA LYS A 1279 -2.90 -20.90 -31.32
C LYS A 1279 -3.08 -19.40 -31.49
N GLU A 1280 -2.79 -18.62 -30.46
CA GLU A 1280 -2.89 -17.16 -30.58
C GLU A 1280 -1.79 -16.60 -31.47
N ALA A 1281 -0.60 -17.21 -31.45
CA ALA A 1281 0.47 -16.78 -32.35
C ALA A 1281 0.14 -17.11 -33.80
N ARG A 1282 -0.54 -18.24 -34.04
CA ARG A 1282 -1.01 -18.56 -35.38
C ARG A 1282 -2.13 -17.62 -35.81
N GLU A 1283 -3.03 -17.27 -34.89
CA GLU A 1283 -4.13 -16.37 -35.22
C GLU A 1283 -3.66 -14.93 -35.40
N LYS A 1284 -2.49 -14.57 -34.86
CA LYS A 1284 -1.93 -13.25 -35.12
C LYS A 1284 -1.50 -13.10 -36.57
N GLU A 1285 -1.01 -14.17 -37.18
CA GLU A 1285 -0.62 -14.15 -38.58
C GLU A 1285 -1.85 -14.14 -39.49
#